data_2GNA
#
_entry.id   2GNA
#
_cell.length_a   112.218
_cell.length_b   112.218
_cell.length_c   107.348
_cell.angle_alpha   90.00
_cell.angle_beta   90.00
_cell.angle_gamma   120.00
#
_symmetry.space_group_name_H-M   'P 63'
#
loop_
_entity.id
_entity.type
_entity.pdbx_description
1 polymer 'UDP-GlcNAc C6 dehydratase'
2 non-polymer "GALACTOSE-URIDINE-5'-DIPHOSPHATE"
3 non-polymer 'NADP NICOTINAMIDE-ADENINE-DINUCLEOTIDE PHOSPHATE'
4 non-polymer '2-(N-MORPHOLINO)-ETHANESULFONIC ACID'
5 water water
#
_entity_poly.entity_id   1
_entity_poly.type   'polypeptide(L)'
_entity_poly.pdbx_seq_one_letter_code
;MHHHHHHGSMSMPNHQNMLDNQTILITGGTGSFGKCFVRKVLDTTNAKKIIVYSRDELKQSEMAMEFNDPRMRFFIGDVR
DLERLNYALEGVDICIHAAALKHVPIAEYNPLECIKTNIMGASNVINACLKNAISQVIALSTDKAANPINLYGATKLCSD
KLFVSANNFKGSSQTQFSVVRYGNVVGSRGSVVPFFKKLVQNKASEIPITDIRMTRFWITLDEGVSFVLKSLKRMHGGEI
FVPKIPSMKMTDLAKALAPNTPTKIIGIRPGEKLHEVMIPKDESHLALEFEDFFIIQPTISFQTPKDYTLTKLHEKGQKV
APDFEYSSHNNNQWLEPDDLLKLL
;
_entity_poly.pdbx_strand_id   A,B
#
# COMPACT_ATOMS: atom_id res chain seq x y z
N GLN A 16 -7.90 0.56 36.65
CA GLN A 16 -6.47 0.54 36.22
C GLN A 16 -6.21 -0.63 35.28
N ASN A 17 -5.78 -0.32 34.06
CA ASN A 17 -5.49 -1.35 33.07
C ASN A 17 -6.74 -2.06 32.60
N MET A 18 -7.71 -1.30 32.10
CA MET A 18 -8.94 -1.90 31.61
C MET A 18 -8.77 -2.28 30.13
N LEU A 19 -7.77 -3.12 29.86
CA LEU A 19 -7.48 -3.55 28.49
C LEU A 19 -6.66 -4.84 28.48
N ASP A 20 -6.43 -5.43 29.64
CA ASP A 20 -5.65 -6.66 29.72
C ASP A 20 -6.44 -7.87 29.24
N ASN A 21 -5.74 -8.79 28.58
CA ASN A 21 -6.32 -10.02 28.05
C ASN A 21 -7.29 -9.80 26.90
N GLN A 22 -7.37 -8.55 26.42
CA GLN A 22 -8.27 -8.21 25.31
C GLN A 22 -7.57 -8.45 23.98
N THR A 23 -8.34 -8.79 22.96
CA THR A 23 -7.79 -8.96 21.62
C THR A 23 -8.12 -7.66 20.89
N ILE A 24 -7.11 -7.02 20.34
CA ILE A 24 -7.32 -5.75 19.66
C ILE A 24 -7.03 -5.78 18.17
N LEU A 25 -7.93 -5.19 17.39
CA LEU A 25 -7.74 -5.11 15.95
C LEU A 25 -7.71 -3.63 15.58
N ILE A 26 -6.74 -3.26 14.77
CA ILE A 26 -6.62 -1.87 14.33
C ILE A 26 -6.47 -1.82 12.82
N THR A 27 -7.43 -1.19 12.15
CA THR A 27 -7.38 -1.09 10.69
C THR A 27 -6.32 -0.04 10.33
N GLY A 28 -5.61 -0.28 9.24
CA GLY A 28 -4.56 0.65 8.85
C GLY A 28 -3.47 0.66 9.90
N GLY A 29 -3.20 -0.52 10.46
CA GLY A 29 -2.18 -0.63 11.50
C GLY A 29 -0.75 -0.43 11.05
N THR A 30 -0.52 -0.41 9.74
CA THR A 30 0.83 -0.24 9.22
C THR A 30 1.21 1.24 9.02
N GLY A 31 0.31 2.14 9.41
CA GLY A 31 0.55 3.57 9.25
C GLY A 31 1.25 4.27 10.41
N SER A 32 1.30 5.60 10.36
CA SER A 32 1.95 6.39 11.40
C SER A 32 1.37 6.08 12.76
N PHE A 33 0.08 6.35 12.91
CA PHE A 33 -0.62 6.09 14.15
C PHE A 33 -0.55 4.59 14.48
N GLY A 34 -0.91 3.77 13.51
CA GLY A 34 -0.91 2.33 13.68
C GLY A 34 0.33 1.78 14.36
N LYS A 35 1.49 1.98 13.74
CA LYS A 35 2.74 1.49 14.30
C LYS A 35 3.02 2.02 15.70
N CYS A 36 2.77 3.31 15.91
CA CYS A 36 3.00 3.91 17.23
C CYS A 36 2.04 3.35 18.26
N PHE A 37 0.76 3.26 17.90
CA PHE A 37 -0.28 2.74 18.79
C PHE A 37 0.02 1.29 19.19
N VAL A 38 0.42 0.48 18.22
CA VAL A 38 0.72 -0.92 18.48
C VAL A 38 1.90 -1.05 19.45
N ARG A 39 2.91 -0.22 19.25
CA ARG A 39 4.08 -0.21 20.11
C ARG A 39 3.66 0.12 21.53
N LYS A 40 2.84 1.17 21.64
CA LYS A 40 2.31 1.66 22.91
C LYS A 40 1.43 0.65 23.64
N VAL A 41 0.80 -0.25 22.89
CA VAL A 41 -0.08 -1.24 23.52
C VAL A 41 0.69 -2.46 23.97
N LEU A 42 1.68 -2.85 23.20
CA LEU A 42 2.51 -4.01 23.53
C LEU A 42 3.39 -3.71 24.74
N ASP A 43 3.84 -2.46 24.85
CA ASP A 43 4.71 -2.02 25.92
C ASP A 43 4.05 -1.70 27.24
N THR A 44 2.80 -1.24 27.21
CA THR A 44 2.15 -0.83 28.44
C THR A 44 0.86 -1.53 28.86
N THR A 45 0.49 -2.60 28.18
CA THR A 45 -0.74 -3.31 28.54
C THR A 45 -0.53 -4.81 28.45
N ASN A 46 -1.42 -5.58 29.07
CA ASN A 46 -1.29 -7.02 28.99
C ASN A 46 -2.36 -7.53 28.01
N ALA A 47 -2.51 -6.79 26.92
CA ALA A 47 -3.45 -7.13 25.86
C ALA A 47 -3.04 -8.52 25.37
N LYS A 48 -4.02 -9.38 25.15
CA LYS A 48 -3.73 -10.73 24.70
C LYS A 48 -3.17 -10.81 23.28
N LYS A 49 -3.77 -10.05 22.37
CA LYS A 49 -3.36 -10.07 20.98
C LYS A 49 -3.69 -8.76 20.25
N ILE A 50 -2.85 -8.42 19.27
CA ILE A 50 -3.05 -7.21 18.48
C ILE A 50 -3.01 -7.62 17.03
N ILE A 51 -4.10 -7.33 16.32
CA ILE A 51 -4.24 -7.66 14.92
C ILE A 51 -4.13 -6.44 14.04
N VAL A 52 -3.23 -6.52 13.06
CA VAL A 52 -3.06 -5.43 12.12
C VAL A 52 -3.86 -5.79 10.88
N TYR A 53 -4.71 -4.88 10.45
CA TYR A 53 -5.56 -5.10 9.29
C TYR A 53 -5.25 -4.04 8.23
N SER A 54 -4.64 -4.46 7.13
CA SER A 54 -4.29 -3.53 6.06
C SER A 54 -3.99 -4.32 4.79
N ARG A 55 -3.85 -3.61 3.68
CA ARG A 55 -3.66 -4.23 2.38
C ARG A 55 -2.26 -4.60 1.89
N ASP A 56 -1.30 -3.71 2.09
CA ASP A 56 0.06 -3.90 1.61
C ASP A 56 0.94 -4.99 2.25
N GLU A 57 1.37 -5.95 1.44
CA GLU A 57 2.22 -7.04 1.92
C GLU A 57 3.64 -6.55 2.26
N LEU A 58 4.12 -5.55 1.54
CA LEU A 58 5.45 -5.00 1.79
C LEU A 58 5.52 -4.43 3.21
N LYS A 59 4.66 -3.46 3.50
CA LYS A 59 4.64 -2.86 4.81
C LYS A 59 4.31 -3.85 5.93
N GLN A 60 3.55 -4.90 5.61
CA GLN A 60 3.21 -5.87 6.65
C GLN A 60 4.38 -6.77 6.99
N SER A 61 5.11 -7.23 5.97
CA SER A 61 6.25 -8.10 6.21
C SER A 61 7.34 -7.34 6.96
N GLU A 62 7.52 -6.07 6.65
CA GLU A 62 8.53 -5.27 7.32
C GLU A 62 8.12 -4.93 8.74
N MET A 63 6.84 -4.62 8.95
CA MET A 63 6.37 -4.30 10.29
C MET A 63 6.49 -5.55 11.17
N ALA A 64 6.30 -6.73 10.57
CA ALA A 64 6.40 -7.98 11.31
C ALA A 64 7.84 -8.26 11.75
N MET A 65 8.81 -7.83 10.95
CA MET A 65 10.23 -8.00 11.29
C MET A 65 10.62 -6.92 12.29
N GLU A 66 10.06 -5.74 12.09
CA GLU A 66 10.32 -4.58 12.94
C GLU A 66 9.84 -4.84 14.36
N PHE A 67 8.84 -5.70 14.50
CA PHE A 67 8.30 -6.01 15.82
C PHE A 67 8.65 -7.40 16.33
N ASN A 68 8.53 -8.40 15.46
CA ASN A 68 8.86 -9.77 15.83
C ASN A 68 8.24 -10.15 17.18
N ASP A 69 7.01 -9.71 17.44
CA ASP A 69 6.35 -10.02 18.69
C ASP A 69 5.31 -11.14 18.48
N PRO A 70 5.30 -12.14 19.37
CA PRO A 70 4.36 -13.26 19.27
C PRO A 70 2.90 -12.86 19.44
N ARG A 71 2.65 -11.71 20.06
CA ARG A 71 1.28 -11.25 20.27
C ARG A 71 0.75 -10.47 19.07
N MET A 72 1.54 -10.42 18.00
CA MET A 72 1.15 -9.74 16.78
C MET A 72 0.53 -10.72 15.79
N ARG A 73 -0.47 -10.25 15.06
CA ARG A 73 -1.11 -11.04 14.02
C ARG A 73 -1.30 -10.07 12.87
N PHE A 74 -1.12 -10.53 11.64
CA PHE A 74 -1.30 -9.66 10.50
C PHE A 74 -2.28 -10.21 9.50
N PHE A 75 -3.31 -9.43 9.19
CA PHE A 75 -4.32 -9.80 8.22
C PHE A 75 -4.26 -8.88 7.03
N ILE A 76 -4.02 -9.44 5.85
CA ILE A 76 -4.04 -8.66 4.61
C ILE A 76 -5.52 -8.52 4.31
N GLY A 77 -5.97 -7.29 4.09
CA GLY A 77 -7.38 -7.08 3.83
C GLY A 77 -7.71 -5.63 3.52
N ASP A 78 -8.84 -5.42 2.87
CA ASP A 78 -9.31 -4.08 2.52
C ASP A 78 -10.55 -3.74 3.33
N VAL A 79 -10.62 -2.52 3.85
CA VAL A 79 -11.81 -2.14 4.61
C VAL A 79 -13.03 -2.00 3.71
N ARG A 80 -12.80 -1.97 2.39
CA ARG A 80 -13.89 -1.89 1.41
C ARG A 80 -14.52 -3.29 1.28
N ASP A 81 -13.89 -4.29 1.88
CA ASP A 81 -14.33 -5.69 1.80
C ASP A 81 -15.04 -6.18 3.06
N LEU A 82 -16.37 -6.11 3.05
CA LEU A 82 -17.16 -6.53 4.21
C LEU A 82 -16.94 -7.97 4.65
N GLU A 83 -16.87 -8.90 3.71
CA GLU A 83 -16.66 -10.29 4.07
C GLU A 83 -15.33 -10.52 4.77
N ARG A 84 -14.29 -9.85 4.30
CA ARG A 84 -12.97 -9.98 4.90
C ARG A 84 -12.96 -9.47 6.34
N LEU A 85 -13.55 -8.30 6.57
CA LEU A 85 -13.63 -7.73 7.91
C LEU A 85 -14.39 -8.65 8.87
N ASN A 86 -15.46 -9.26 8.37
CA ASN A 86 -16.28 -10.16 9.17
C ASN A 86 -15.44 -11.27 9.78
N TYR A 87 -14.54 -11.84 8.98
CA TYR A 87 -13.66 -12.90 9.47
C TYR A 87 -12.53 -12.35 10.32
N ALA A 88 -12.04 -11.18 9.96
CA ALA A 88 -10.95 -10.56 10.67
C ALA A 88 -11.31 -10.14 12.10
N LEU A 89 -12.55 -9.70 12.29
CA LEU A 89 -12.99 -9.25 13.60
C LEU A 89 -13.53 -10.36 14.49
N GLU A 90 -13.56 -11.58 13.96
CA GLU A 90 -14.04 -12.70 14.75
C GLU A 90 -13.12 -12.79 15.98
N GLY A 91 -13.72 -12.74 17.17
CA GLY A 91 -12.95 -12.84 18.41
C GLY A 91 -12.32 -11.57 18.96
N VAL A 92 -12.50 -10.43 18.28
CA VAL A 92 -11.93 -9.16 18.72
C VAL A 92 -12.80 -8.47 19.77
N ASP A 93 -12.17 -7.84 20.76
CA ASP A 93 -12.89 -7.16 21.82
C ASP A 93 -12.88 -5.65 21.57
N ILE A 94 -11.79 -5.17 20.98
CA ILE A 94 -11.63 -3.76 20.70
C ILE A 94 -11.08 -3.50 19.28
N CYS A 95 -11.72 -2.57 18.59
CA CYS A 95 -11.29 -2.22 17.24
C CYS A 95 -10.94 -0.74 17.16
N ILE A 96 -9.73 -0.44 16.69
CA ILE A 96 -9.31 0.93 16.51
C ILE A 96 -9.27 1.07 15.01
N HIS A 97 -10.03 2.03 14.49
CA HIS A 97 -10.13 2.23 13.06
C HIS A 97 -9.32 3.41 12.56
N ALA A 98 -8.14 3.12 12.00
CA ALA A 98 -7.26 4.17 11.51
C ALA A 98 -6.99 4.10 10.01
N ALA A 99 -7.56 3.11 9.32
CA ALA A 99 -7.34 3.00 7.88
C ALA A 99 -7.98 4.19 7.17
N ALA A 100 -7.29 4.77 6.19
CA ALA A 100 -7.83 5.90 5.47
C ALA A 100 -6.97 6.41 4.34
N LEU A 101 -7.62 7.22 3.48
CA LEU A 101 -6.96 7.90 2.37
C LEU A 101 -7.08 9.33 2.86
N LYS A 102 -5.96 9.89 3.34
CA LYS A 102 -5.94 11.23 3.91
C LYS A 102 -5.28 12.32 3.08
N HIS A 103 -4.61 11.95 1.99
CA HIS A 103 -3.94 12.95 1.16
C HIS A 103 -4.98 13.83 0.47
N VAL A 104 -5.24 14.97 1.09
CA VAL A 104 -6.22 15.92 0.58
C VAL A 104 -6.18 16.20 -0.91
N PRO A 105 -5.05 16.65 -1.45
CA PRO A 105 -5.06 16.90 -2.89
C PRO A 105 -5.25 15.66 -3.77
N ILE A 106 -4.85 14.49 -3.27
CA ILE A 106 -5.05 13.26 -4.05
C ILE A 106 -6.52 12.83 -3.95
N ALA A 107 -7.16 13.15 -2.84
CA ALA A 107 -8.56 12.80 -2.64
C ALA A 107 -9.45 13.64 -3.57
N GLU A 108 -8.97 14.84 -3.91
CA GLU A 108 -9.70 15.76 -4.80
C GLU A 108 -9.70 15.26 -6.26
N TYR A 109 -8.64 14.55 -6.65
CA TYR A 109 -8.52 14.03 -8.01
C TYR A 109 -9.05 12.61 -8.08
N ASN A 110 -9.11 11.96 -6.93
CA ASN A 110 -9.58 10.59 -6.85
C ASN A 110 -10.67 10.53 -5.77
N PRO A 111 -11.76 11.30 -5.96
CA PRO A 111 -12.87 11.33 -4.98
C PRO A 111 -13.59 10.03 -4.64
N LEU A 112 -14.00 9.26 -5.65
CA LEU A 112 -14.69 8.00 -5.34
C LEU A 112 -13.78 7.04 -4.56
N GLU A 113 -12.47 7.16 -4.78
CA GLU A 113 -11.53 6.31 -4.08
C GLU A 113 -11.59 6.65 -2.60
N CYS A 114 -11.48 7.94 -2.31
CA CYS A 114 -11.53 8.42 -0.93
C CYS A 114 -12.87 8.06 -0.28
N ILE A 115 -13.94 8.14 -1.06
CA ILE A 115 -15.27 7.81 -0.57
C ILE A 115 -15.46 6.33 -0.21
N LYS A 116 -14.96 5.43 -1.07
CA LYS A 116 -15.11 4.01 -0.79
C LYS A 116 -14.31 3.59 0.43
N THR A 117 -13.11 4.13 0.58
CA THR A 117 -12.27 3.77 1.70
C THR A 117 -12.73 4.39 3.02
N ASN A 118 -12.95 5.69 3.03
CA ASN A 118 -13.35 6.36 4.27
C ASN A 118 -14.79 6.24 4.70
N ILE A 119 -15.73 6.36 3.75
CA ILE A 119 -17.15 6.26 4.09
C ILE A 119 -17.62 4.81 4.09
N MET A 120 -17.50 4.14 2.96
CA MET A 120 -17.96 2.75 2.91
C MET A 120 -17.11 1.92 3.84
N GLY A 121 -15.82 2.27 3.93
CA GLY A 121 -14.92 1.57 4.82
C GLY A 121 -15.43 1.61 6.25
N ALA A 122 -15.87 2.78 6.68
CA ALA A 122 -16.40 2.96 8.04
C ALA A 122 -17.63 2.09 8.25
N SER A 123 -18.50 2.03 7.25
CA SER A 123 -19.72 1.25 7.31
C SER A 123 -19.42 -0.24 7.54
N ASN A 124 -18.59 -0.82 6.68
CA ASN A 124 -18.22 -2.24 6.79
C ASN A 124 -17.58 -2.58 8.12
N VAL A 125 -16.71 -1.70 8.61
CA VAL A 125 -16.05 -1.93 9.89
C VAL A 125 -17.10 -1.93 11.00
N ILE A 126 -18.06 -1.02 10.91
CA ILE A 126 -19.13 -0.96 11.90
C ILE A 126 -19.93 -2.24 11.79
N ASN A 127 -20.29 -2.61 10.56
CA ASN A 127 -21.06 -3.84 10.33
C ASN A 127 -20.33 -5.04 10.95
N ALA A 128 -19.07 -5.23 10.57
CA ALA A 128 -18.29 -6.35 11.09
C ALA A 128 -18.17 -6.33 12.60
N CYS A 129 -18.01 -5.15 13.20
CA CYS A 129 -17.89 -5.08 14.65
C CYS A 129 -19.17 -5.51 15.37
N LEU A 130 -20.33 -5.19 14.78
CA LEU A 130 -21.60 -5.60 15.38
C LEU A 130 -21.77 -7.12 15.24
N LYS A 131 -21.55 -7.65 14.04
CA LYS A 131 -21.69 -9.08 13.83
C LYS A 131 -20.87 -9.92 14.80
N ASN A 132 -19.65 -9.48 15.12
CA ASN A 132 -18.78 -10.23 16.02
C ASN A 132 -18.88 -9.81 17.47
N ALA A 133 -19.80 -8.89 17.75
CA ALA A 133 -20.00 -8.41 19.11
C ALA A 133 -18.75 -7.88 19.80
N ILE A 134 -18.03 -6.98 19.12
CA ILE A 134 -16.86 -6.33 19.68
C ILE A 134 -17.41 -5.46 20.82
N SER A 135 -16.57 -5.08 21.78
CA SER A 135 -17.04 -4.27 22.89
C SER A 135 -16.95 -2.76 22.69
N GLN A 136 -15.80 -2.31 22.22
CA GLN A 136 -15.59 -0.89 21.99
C GLN A 136 -14.86 -0.62 20.70
N VAL A 137 -15.24 0.47 20.06
CA VAL A 137 -14.67 0.85 18.80
C VAL A 137 -14.35 2.34 18.81
N ILE A 138 -13.13 2.67 18.40
CA ILE A 138 -12.73 4.06 18.32
C ILE A 138 -12.31 4.36 16.90
N ALA A 139 -12.91 5.38 16.31
CA ALA A 139 -12.59 5.76 14.94
C ALA A 139 -11.75 7.02 14.98
N LEU A 140 -10.77 7.11 14.09
CA LEU A 140 -9.93 8.27 14.03
C LEU A 140 -10.48 9.28 13.03
N SER A 141 -10.76 10.49 13.53
CA SER A 141 -11.29 11.56 12.70
C SER A 141 -10.17 12.57 12.43
N THR A 142 -10.55 13.79 12.06
CA THR A 142 -9.57 14.82 11.78
C THR A 142 -10.21 16.18 11.92
N ASP A 143 -9.38 17.19 12.20
CA ASP A 143 -9.86 18.55 12.35
C ASP A 143 -10.45 18.98 11.02
N LYS A 144 -9.96 18.38 9.94
CA LYS A 144 -10.44 18.70 8.60
C LYS A 144 -11.90 18.25 8.37
N ALA A 145 -12.45 17.50 9.32
CA ALA A 145 -13.82 16.99 9.20
C ALA A 145 -14.86 17.94 9.84
N ALA A 146 -14.39 19.06 10.37
CA ALA A 146 -15.28 20.05 10.99
C ALA A 146 -15.44 21.22 10.01
N ASN A 147 -16.68 21.52 9.61
CA ASN A 147 -16.91 22.59 8.63
C ASN A 147 -15.93 22.42 7.48
N PRO A 148 -15.82 21.20 6.93
CA PRO A 148 -14.93 20.87 5.82
C PRO A 148 -15.17 21.59 4.49
N ILE A 149 -14.12 21.61 3.67
CA ILE A 149 -14.19 22.21 2.34
C ILE A 149 -13.58 21.23 1.33
N ASN A 150 -12.75 20.33 1.81
CA ASN A 150 -12.14 19.35 0.92
C ASN A 150 -12.89 18.04 1.05
N LEU A 151 -12.83 17.23 0.01
CA LEU A 151 -13.52 15.94 0.00
C LEU A 151 -13.08 15.04 1.12
N TYR A 152 -11.77 14.99 1.35
CA TYR A 152 -11.20 14.17 2.40
C TYR A 152 -11.94 14.40 3.70
N GLY A 153 -12.05 15.68 4.06
CA GLY A 153 -12.72 16.06 5.28
C GLY A 153 -14.19 15.73 5.27
N ALA A 154 -14.82 15.80 4.10
CA ALA A 154 -16.24 15.49 4.01
C ALA A 154 -16.47 13.99 4.23
N THR A 155 -15.60 13.14 3.69
CA THR A 155 -15.76 11.71 3.89
C THR A 155 -15.62 11.39 5.37
N LYS A 156 -14.68 12.04 6.02
CA LYS A 156 -14.44 11.80 7.44
C LYS A 156 -15.60 12.25 8.29
N LEU A 157 -16.23 13.34 7.87
CA LEU A 157 -17.38 13.86 8.58
C LEU A 157 -18.47 12.79 8.47
N CYS A 158 -18.63 12.22 7.27
CA CYS A 158 -19.63 11.16 7.03
C CYS A 158 -19.25 9.96 7.90
N SER A 159 -17.95 9.63 7.89
CA SER A 159 -17.42 8.53 8.69
C SER A 159 -17.77 8.72 10.17
N ASP A 160 -17.46 9.90 10.70
CA ASP A 160 -17.75 10.22 12.10
C ASP A 160 -19.23 10.00 12.38
N LYS A 161 -20.07 10.52 11.49
CA LYS A 161 -21.52 10.41 11.65
C LYS A 161 -22.00 8.98 11.74
N LEU A 162 -21.42 8.10 10.93
CA LEU A 162 -21.81 6.70 10.96
C LEU A 162 -21.46 6.05 12.28
N PHE A 163 -20.24 6.27 12.75
CA PHE A 163 -19.78 5.69 14.01
C PHE A 163 -20.55 6.17 15.24
N VAL A 164 -20.95 7.44 15.25
CA VAL A 164 -21.70 7.96 16.38
C VAL A 164 -23.10 7.38 16.34
N SER A 165 -23.65 7.30 15.13
CA SER A 165 -24.99 6.79 14.93
C SER A 165 -25.12 5.31 15.21
N ALA A 166 -24.00 4.60 15.21
CA ALA A 166 -24.01 3.15 15.44
C ALA A 166 -24.35 2.72 16.87
N ASN A 167 -24.45 3.68 17.80
CA ASN A 167 -24.75 3.37 19.19
C ASN A 167 -26.23 3.08 19.47
N ASN A 168 -27.09 3.17 18.46
CA ASN A 168 -28.51 2.89 18.64
C ASN A 168 -28.81 1.39 18.64
N PHE A 169 -28.32 0.71 17.61
CA PHE A 169 -28.50 -0.73 17.45
C PHE A 169 -28.23 -1.49 18.73
N LYS A 170 -29.29 -1.80 19.49
CA LYS A 170 -29.15 -2.55 20.72
C LYS A 170 -29.54 -4.01 20.52
N GLY A 171 -28.90 -4.67 19.56
CA GLY A 171 -29.20 -6.07 19.29
C GLY A 171 -28.85 -6.93 20.48
N SER A 172 -27.73 -7.64 20.39
CA SER A 172 -27.28 -8.50 21.48
C SER A 172 -26.43 -7.68 22.44
N SER A 173 -25.11 -7.84 22.38
CA SER A 173 -24.21 -7.09 23.25
C SER A 173 -24.29 -5.62 22.80
N GLN A 174 -23.82 -4.70 23.63
CA GLN A 174 -23.90 -3.30 23.24
C GLN A 174 -22.56 -2.68 22.86
N THR A 175 -22.12 -2.98 21.64
CA THR A 175 -20.88 -2.45 21.12
C THR A 175 -20.90 -0.92 21.26
N GLN A 176 -19.81 -0.35 21.73
CA GLN A 176 -19.74 1.10 21.89
C GLN A 176 -18.82 1.68 20.82
N PHE A 177 -19.26 2.76 20.17
CA PHE A 177 -18.50 3.42 19.11
C PHE A 177 -18.24 4.88 19.45
N SER A 178 -16.96 5.25 19.46
CA SER A 178 -16.62 6.64 19.75
C SER A 178 -15.65 7.10 18.68
N VAL A 179 -15.47 8.40 18.60
CA VAL A 179 -14.60 9.01 17.62
C VAL A 179 -13.59 9.92 18.31
N VAL A 180 -12.33 9.86 17.86
CA VAL A 180 -11.26 10.70 18.40
C VAL A 180 -10.80 11.61 17.28
N ARG A 181 -10.97 12.91 17.48
CA ARG A 181 -10.59 13.89 16.48
C ARG A 181 -9.51 14.87 16.93
N TYR A 182 -8.42 14.91 16.18
CA TYR A 182 -7.33 15.85 16.41
C TYR A 182 -6.70 16.07 15.04
N GLY A 183 -5.83 17.05 14.92
CA GLY A 183 -5.26 17.33 13.61
C GLY A 183 -3.83 16.94 13.33
N ASN A 184 -3.14 17.85 12.63
CA ASN A 184 -1.74 17.70 12.24
C ASN A 184 -0.88 17.00 13.28
N VAL A 185 -0.08 16.04 12.84
CA VAL A 185 0.83 15.33 13.74
C VAL A 185 2.23 15.74 13.31
N VAL A 186 3.00 16.27 14.24
CA VAL A 186 4.36 16.73 13.96
C VAL A 186 5.20 15.67 13.27
N GLY A 187 6.00 16.10 12.30
CA GLY A 187 6.87 15.19 11.58
C GLY A 187 6.15 14.03 10.91
N SER A 188 4.82 14.05 10.89
CA SER A 188 4.06 12.98 10.26
C SER A 188 4.57 12.76 8.84
N ARG A 189 4.99 11.53 8.56
CA ARG A 189 5.54 11.17 7.24
C ARG A 189 4.85 11.89 6.07
N GLY A 190 5.60 12.79 5.46
CA GLY A 190 5.07 13.53 4.33
C GLY A 190 4.55 14.90 4.71
N SER A 191 4.58 15.22 6.00
CA SER A 191 4.10 16.51 6.47
C SER A 191 5.11 17.62 6.23
N VAL A 192 4.89 18.76 6.86
CA VAL A 192 5.75 19.93 6.72
C VAL A 192 7.17 19.69 7.23
N VAL A 193 7.27 19.28 8.49
CA VAL A 193 8.56 19.03 9.12
C VAL A 193 9.53 18.26 8.22
N PRO A 194 9.12 17.10 7.69
CA PRO A 194 9.98 16.29 6.81
C PRO A 194 10.52 17.02 5.59
N PHE A 195 9.74 17.94 5.04
CA PHE A 195 10.16 18.72 3.88
C PHE A 195 10.98 19.92 4.34
N PHE A 196 10.57 20.53 5.45
CA PHE A 196 11.26 21.67 6.02
C PHE A 196 12.59 21.21 6.63
N LYS A 197 12.82 19.91 6.60
CA LYS A 197 14.06 19.32 7.11
C LYS A 197 14.96 18.95 5.94
N LYS A 198 14.40 19.05 4.73
CA LYS A 198 15.14 18.76 3.51
C LYS A 198 15.48 20.08 2.84
N LEU A 199 14.86 21.16 3.33
CA LEU A 199 15.10 22.50 2.81
C LEU A 199 16.35 23.09 3.45
N VAL A 200 16.23 23.54 4.70
CA VAL A 200 17.37 24.10 5.43
C VAL A 200 18.57 23.20 5.21
N GLN A 201 18.29 21.90 5.09
CA GLN A 201 19.31 20.89 4.86
C GLN A 201 19.88 21.09 3.46
N ASN A 202 19.33 20.35 2.49
CA ASN A 202 19.78 20.44 1.10
C ASN A 202 19.63 21.89 0.64
N LYS A 203 20.73 22.63 0.71
CA LYS A 203 20.77 24.04 0.32
C LYS A 203 19.67 24.50 -0.63
N ALA A 204 18.89 25.47 -0.16
CA ALA A 204 17.79 26.05 -0.92
C ALA A 204 17.45 27.37 -0.24
N SER A 205 17.88 28.47 -0.83
CA SER A 205 17.64 29.80 -0.28
C SER A 205 16.23 30.31 -0.55
N GLU A 206 15.23 29.53 -0.16
CA GLU A 206 13.83 29.90 -0.36
C GLU A 206 12.91 28.83 0.22
N ILE A 207 12.17 29.17 1.28
CA ILE A 207 11.25 28.24 1.93
C ILE A 207 9.82 28.39 1.40
N PRO A 208 9.26 27.31 0.82
CA PRO A 208 7.90 27.32 0.27
C PRO A 208 6.82 27.65 1.32
N ILE A 209 5.99 28.64 1.01
CA ILE A 209 4.92 29.07 1.91
C ILE A 209 3.63 29.32 1.14
N THR A 210 2.52 28.81 1.68
CA THR A 210 1.21 28.98 1.05
C THR A 210 0.64 30.37 1.36
N ASP A 211 0.35 30.62 2.62
CA ASP A 211 -0.19 31.91 3.05
C ASP A 211 0.69 32.46 4.15
N ILE A 212 0.42 33.71 4.55
CA ILE A 212 1.22 34.37 5.59
C ILE A 212 0.49 34.40 6.93
N ARG A 213 -0.75 33.92 6.93
CA ARG A 213 -1.55 33.88 8.15
C ARG A 213 -1.84 32.42 8.51
N MET A 214 -1.25 31.52 7.73
CA MET A 214 -1.43 30.09 7.89
C MET A 214 -1.06 29.54 9.27
N THR A 215 -2.00 28.88 9.92
CA THR A 215 -1.78 28.28 11.24
C THR A 215 -2.37 26.87 11.30
N ARG A 216 -1.92 26.08 12.27
CA ARG A 216 -2.39 24.71 12.42
C ARG A 216 -2.24 24.18 13.84
N PHE A 217 -3.15 23.29 14.25
CA PHE A 217 -3.07 22.67 15.57
C PHE A 217 -1.91 21.68 15.47
N TRP A 218 -1.14 21.53 16.53
CA TRP A 218 -0.04 20.57 16.51
C TRP A 218 0.01 19.65 17.72
N ILE A 219 0.18 18.37 17.42
CA ILE A 219 0.24 17.33 18.43
C ILE A 219 1.21 16.29 17.86
N THR A 220 1.75 15.44 18.73
CA THR A 220 2.69 14.42 18.29
C THR A 220 2.05 13.04 18.25
N LEU A 221 2.69 12.14 17.52
CA LEU A 221 2.23 10.77 17.38
C LEU A 221 1.85 10.16 18.72
N ASP A 222 2.79 10.21 19.66
CA ASP A 222 2.62 9.65 21.00
C ASP A 222 1.48 10.27 21.78
N GLU A 223 1.29 11.57 21.61
CA GLU A 223 0.22 12.26 22.31
C GLU A 223 -1.14 11.76 21.83
N GLY A 224 -1.32 11.65 20.52
CA GLY A 224 -2.58 11.17 19.98
C GLY A 224 -2.84 9.74 20.42
N VAL A 225 -1.81 8.92 20.30
CA VAL A 225 -1.92 7.52 20.69
C VAL A 225 -2.38 7.42 22.13
N SER A 226 -1.65 8.09 23.01
CA SER A 226 -1.99 8.08 24.43
C SER A 226 -3.40 8.61 24.64
N PHE A 227 -3.77 9.60 23.85
CA PHE A 227 -5.09 10.19 23.94
C PHE A 227 -6.17 9.19 23.53
N VAL A 228 -5.88 8.36 22.53
CA VAL A 228 -6.85 7.36 22.10
C VAL A 228 -7.05 6.36 23.24
N LEU A 229 -5.95 5.85 23.80
CA LEU A 229 -6.05 4.89 24.89
C LEU A 229 -6.86 5.44 26.06
N LYS A 230 -6.62 6.69 26.43
CA LYS A 230 -7.35 7.26 27.55
C LYS A 230 -8.82 7.43 27.19
N SER A 231 -9.09 7.71 25.92
CA SER A 231 -10.45 7.85 25.43
C SER A 231 -11.18 6.51 25.60
N LEU A 232 -10.45 5.42 25.40
CA LEU A 232 -11.03 4.09 25.56
C LEU A 232 -11.45 3.88 26.99
N LYS A 233 -10.60 4.32 27.92
CA LYS A 233 -10.87 4.16 29.34
C LYS A 233 -12.03 4.97 29.87
N ARG A 234 -12.45 6.01 29.15
CA ARG A 234 -13.56 6.81 29.64
C ARG A 234 -14.81 6.91 28.78
N MET A 235 -14.75 6.39 27.56
CA MET A 235 -15.89 6.45 26.65
C MET A 235 -17.12 5.70 27.15
N HIS A 236 -18.28 6.19 26.73
CA HIS A 236 -19.58 5.57 27.05
C HIS A 236 -20.08 5.05 25.71
N GLY A 237 -19.65 5.75 24.66
CA GLY A 237 -20.06 5.40 23.31
C GLY A 237 -20.92 6.50 22.75
N GLY A 238 -20.50 7.10 21.65
CA GLY A 238 -21.26 8.17 21.04
C GLY A 238 -20.52 9.50 21.05
N GLU A 239 -19.41 9.56 21.79
CA GLU A 239 -18.63 10.78 21.90
C GLU A 239 -17.64 11.07 20.78
N ILE A 240 -17.30 12.35 20.66
CA ILE A 240 -16.27 12.78 19.72
C ILE A 240 -15.28 13.42 20.69
N PHE A 241 -14.16 12.74 20.91
CA PHE A 241 -13.16 13.24 21.83
C PHE A 241 -12.20 14.20 21.13
N VAL A 242 -12.02 15.37 21.73
CA VAL A 242 -11.11 16.36 21.19
C VAL A 242 -10.11 16.79 22.24
N PRO A 243 -8.80 16.63 21.96
CA PRO A 243 -7.76 17.01 22.93
C PRO A 243 -7.44 18.50 22.87
N LYS A 244 -7.20 19.11 24.03
CA LYS A 244 -6.86 20.53 24.07
C LYS A 244 -5.41 20.64 23.66
N ILE A 245 -5.17 20.96 22.40
CA ILE A 245 -3.80 21.08 21.92
C ILE A 245 -3.45 22.49 21.46
N PRO A 246 -2.15 22.83 21.49
CA PRO A 246 -1.58 24.13 21.11
C PRO A 246 -1.61 24.41 19.61
N SER A 247 -1.80 25.69 19.26
CA SER A 247 -1.81 26.10 17.86
C SER A 247 -0.40 26.54 17.46
N MET A 248 -0.23 26.88 16.20
CA MET A 248 1.09 27.31 15.71
C MET A 248 1.02 27.91 14.32
N LYS A 249 1.74 29.01 14.10
CA LYS A 249 1.74 29.66 12.80
C LYS A 249 2.90 29.10 11.99
N MET A 250 2.63 28.75 10.74
CA MET A 250 3.64 28.17 9.85
C MET A 250 4.89 29.02 9.69
N THR A 251 4.78 30.30 10.02
CA THR A 251 5.92 31.22 9.91
C THR A 251 7.04 30.76 10.84
N ASP A 252 6.67 30.44 12.07
CA ASP A 252 7.63 29.99 13.08
C ASP A 252 8.16 28.58 12.82
N LEU A 253 7.34 27.73 12.22
CA LEU A 253 7.76 26.37 11.90
C LEU A 253 8.81 26.47 10.79
N ALA A 254 8.92 27.66 10.22
CA ALA A 254 9.87 27.93 9.15
C ALA A 254 11.04 28.77 9.66
N LYS A 255 11.08 28.98 10.97
CA LYS A 255 12.16 29.74 11.59
C LYS A 255 12.94 28.77 12.49
N ALA A 256 12.20 28.00 13.27
CA ALA A 256 12.81 27.02 14.16
C ALA A 256 13.40 25.90 13.29
N LEU A 257 12.57 25.33 12.43
CA LEU A 257 12.98 24.27 11.54
C LEU A 257 13.70 24.86 10.33
N ALA A 258 14.03 26.14 10.44
CA ALA A 258 14.73 26.86 9.38
C ALA A 258 15.31 28.15 9.94
N PRO A 259 16.55 28.09 10.45
CA PRO A 259 17.25 29.23 11.04
C PRO A 259 16.99 30.59 10.34
N ASN A 260 17.91 30.99 9.48
CA ASN A 260 17.77 32.26 8.78
C ASN A 260 17.81 32.10 7.26
N THR A 261 16.66 31.78 6.68
CA THR A 261 16.55 31.59 5.25
C THR A 261 15.31 32.32 4.73
N PRO A 262 15.39 32.90 3.52
CA PRO A 262 14.25 33.63 2.95
C PRO A 262 13.05 32.71 2.71
N THR A 263 11.92 33.31 2.35
CA THR A 263 10.69 32.54 2.10
C THR A 263 9.89 33.11 0.93
N LYS A 264 9.37 32.22 0.08
CA LYS A 264 8.57 32.62 -1.07
C LYS A 264 7.08 32.35 -0.74
N ILE A 265 6.24 32.36 -1.77
CA ILE A 265 4.81 32.11 -1.57
C ILE A 265 4.21 31.43 -2.80
N ILE A 266 3.68 30.23 -2.60
CA ILE A 266 3.08 29.47 -3.70
C ILE A 266 1.56 29.47 -3.62
N GLY A 267 1.00 30.37 -2.82
CA GLY A 267 -0.43 30.46 -2.67
C GLY A 267 -1.04 29.23 -2.02
N ILE A 268 -2.36 29.27 -1.85
CA ILE A 268 -3.11 28.17 -1.23
C ILE A 268 -3.29 26.95 -2.13
N ARG A 269 -3.06 25.77 -1.57
CA ARG A 269 -3.20 24.52 -2.32
C ARG A 269 -4.68 24.14 -2.40
N PRO A 270 -5.00 23.04 -3.11
CA PRO A 270 -6.39 22.59 -3.27
C PRO A 270 -7.14 22.37 -1.94
N GLY A 271 -8.45 22.63 -1.96
CA GLY A 271 -9.29 22.47 -0.78
C GLY A 271 -8.60 22.65 0.57
N GLU A 272 -7.72 23.65 0.65
CA GLU A 272 -6.99 23.91 1.87
C GLU A 272 -7.52 25.13 2.63
N LYS A 273 -7.57 25.00 3.95
CA LYS A 273 -8.04 26.08 4.81
C LYS A 273 -6.85 26.86 5.32
N LEU A 274 -7.11 28.04 5.89
CA LEU A 274 -6.07 28.88 6.46
C LEU A 274 -6.03 28.54 7.95
N HIS A 275 -7.17 28.10 8.47
CA HIS A 275 -7.30 27.74 9.86
C HIS A 275 -8.22 26.52 10.00
N GLU A 276 -7.78 25.55 10.79
CA GLU A 276 -8.55 24.33 10.99
C GLU A 276 -9.46 24.41 12.21
N VAL A 277 -10.75 24.20 12.00
CA VAL A 277 -11.71 24.21 13.09
C VAL A 277 -11.56 22.87 13.82
N MET A 278 -11.90 22.84 15.11
CA MET A 278 -11.82 21.63 15.89
C MET A 278 -13.21 21.38 16.48
N ILE A 279 -13.78 22.44 17.03
CA ILE A 279 -15.14 22.39 17.58
C ILE A 279 -15.92 23.54 16.96
N PRO A 280 -16.77 23.22 15.97
CA PRO A 280 -17.59 24.20 15.26
C PRO A 280 -18.46 25.09 16.13
N LYS A 281 -18.50 26.37 15.77
CA LYS A 281 -19.30 27.37 16.46
C LYS A 281 -20.76 26.90 16.50
N ASP A 282 -21.19 26.31 15.40
CA ASP A 282 -22.56 25.79 15.24
C ASP A 282 -22.90 24.61 16.15
N GLU A 283 -21.89 24.02 16.78
CA GLU A 283 -22.11 22.87 17.65
C GLU A 283 -21.58 23.04 19.07
N SER A 284 -21.17 24.25 19.42
CA SER A 284 -20.62 24.49 20.75
C SER A 284 -21.59 24.11 21.87
N HIS A 285 -22.89 24.22 21.60
CA HIS A 285 -23.92 23.90 22.58
C HIS A 285 -23.99 22.41 22.91
N LEU A 286 -23.14 21.64 22.26
CA LEU A 286 -23.10 20.20 22.47
C LEU A 286 -21.79 19.83 23.13
N ALA A 287 -20.81 20.70 23.00
CA ALA A 287 -19.51 20.46 23.59
C ALA A 287 -19.52 20.50 25.12
N LEU A 288 -18.58 19.76 25.71
CA LEU A 288 -18.42 19.70 27.15
C LEU A 288 -16.94 19.85 27.41
N GLU A 289 -16.57 20.83 28.23
CA GLU A 289 -15.17 21.03 28.53
C GLU A 289 -14.72 20.19 29.70
N PHE A 290 -13.43 19.85 29.69
CA PHE A 290 -12.79 19.06 30.73
C PHE A 290 -11.43 19.70 30.93
N GLU A 291 -10.63 19.19 31.86
CA GLU A 291 -9.33 19.79 32.09
C GLU A 291 -8.40 19.77 30.87
N ASP A 292 -8.40 18.67 30.14
CA ASP A 292 -7.51 18.57 28.99
C ASP A 292 -8.15 18.08 27.68
N PHE A 293 -9.48 18.01 27.63
CA PHE A 293 -10.16 17.57 26.42
C PHE A 293 -11.63 17.99 26.38
N PHE A 294 -12.23 17.82 25.20
CA PHE A 294 -13.64 18.18 24.99
C PHE A 294 -14.48 16.97 24.54
N ILE A 295 -15.78 17.08 24.70
CA ILE A 295 -16.69 16.03 24.27
C ILE A 295 -17.85 16.63 23.49
N ILE A 296 -17.91 16.35 22.19
CA ILE A 296 -19.00 16.85 21.38
C ILE A 296 -20.04 15.75 21.39
N GLN A 297 -21.14 16.00 22.08
CA GLN A 297 -22.21 15.02 22.20
C GLN A 297 -22.97 14.77 20.89
N PRO A 298 -23.60 13.60 20.77
CA PRO A 298 -24.36 13.24 19.57
C PRO A 298 -25.43 14.27 19.23
N THR A 299 -25.59 14.60 17.95
CA THR A 299 -26.60 15.56 17.50
C THR A 299 -27.93 14.83 17.32
N ILE A 300 -27.99 13.62 17.85
CA ILE A 300 -29.18 12.79 17.78
C ILE A 300 -29.39 12.17 19.15
N SER A 301 -30.57 11.60 19.38
CA SER A 301 -30.86 10.99 20.67
C SER A 301 -30.95 9.47 20.56
N PHE A 302 -30.22 8.77 21.44
CA PHE A 302 -30.20 7.31 21.43
C PHE A 302 -31.33 6.73 22.28
N GLN A 303 -31.56 5.44 22.14
CA GLN A 303 -32.58 4.74 22.91
C GLN A 303 -32.12 4.62 24.36
N THR A 304 -30.83 4.35 24.54
CA THR A 304 -30.24 4.23 25.87
C THR A 304 -29.22 5.35 26.03
N PRO A 305 -29.70 6.58 26.33
CA PRO A 305 -28.86 7.77 26.50
C PRO A 305 -27.86 7.68 27.65
N LYS A 306 -26.77 8.43 27.52
CA LYS A 306 -25.73 8.47 28.54
C LYS A 306 -25.48 9.91 28.96
N ASP A 307 -24.87 10.09 30.12
CA ASP A 307 -24.53 11.42 30.61
C ASP A 307 -23.05 11.59 30.33
N TYR A 308 -22.74 12.39 29.32
CA TYR A 308 -21.37 12.63 28.91
C TYR A 308 -20.62 13.62 29.80
N THR A 309 -21.24 14.07 30.89
CA THR A 309 -20.60 15.02 31.80
C THR A 309 -19.70 14.29 32.80
N LEU A 310 -19.84 12.97 32.86
CA LEU A 310 -19.07 12.14 33.78
C LEU A 310 -18.45 10.96 33.05
N THR A 311 -17.20 11.09 32.64
CA THR A 311 -16.48 10.04 31.92
C THR A 311 -16.47 8.74 32.72
N LYS A 312 -16.01 7.67 32.08
CA LYS A 312 -15.91 6.37 32.75
C LYS A 312 -14.87 6.53 33.85
N LEU A 313 -14.14 7.65 33.77
CA LEU A 313 -13.10 7.95 34.76
C LEU A 313 -13.54 9.07 35.70
N HIS A 314 -14.85 9.15 35.96
CA HIS A 314 -15.44 10.14 36.86
C HIS A 314 -15.11 11.61 36.57
N GLU A 315 -14.25 11.87 35.59
CA GLU A 315 -13.88 13.23 35.24
C GLU A 315 -15.11 14.06 34.86
N LYS A 316 -15.42 15.08 35.66
CA LYS A 316 -16.59 15.93 35.42
C LYS A 316 -16.39 16.96 34.32
N GLY A 317 -17.44 17.15 33.51
CA GLY A 317 -17.38 18.11 32.42
C GLY A 317 -18.28 19.32 32.55
N GLN A 318 -17.79 20.45 32.07
CA GLN A 318 -18.51 21.71 32.12
C GLN A 318 -19.04 22.09 30.74
N LYS A 319 -20.20 22.74 30.67
CA LYS A 319 -20.74 23.17 29.38
C LYS A 319 -19.84 24.27 28.85
N VAL A 320 -20.21 24.87 27.72
CA VAL A 320 -19.40 25.93 27.14
C VAL A 320 -20.25 27.12 26.71
N ALA A 321 -19.59 28.22 26.38
CA ALA A 321 -20.28 29.43 25.94
C ALA A 321 -20.98 29.17 24.61
N PRO A 322 -22.27 29.54 24.50
CA PRO A 322 -23.06 29.36 23.28
C PRO A 322 -22.52 30.10 22.07
N ASP A 323 -21.26 30.49 22.13
CA ASP A 323 -20.62 31.20 21.03
C ASP A 323 -19.18 30.73 20.92
N PHE A 324 -18.93 29.51 21.40
CA PHE A 324 -17.59 28.92 21.37
C PHE A 324 -17.22 28.45 19.96
N GLU A 325 -15.93 28.48 19.67
CA GLU A 325 -15.41 28.07 18.38
C GLU A 325 -13.94 27.68 18.54
N TYR A 326 -13.69 26.45 18.93
CA TYR A 326 -12.31 25.96 19.13
C TYR A 326 -11.63 25.85 17.77
N SER A 327 -10.67 26.74 17.53
CA SER A 327 -9.95 26.77 16.27
C SER A 327 -8.45 26.99 16.47
N SER A 328 -7.65 26.55 15.50
CA SER A 328 -6.21 26.72 15.56
C SER A 328 -5.94 28.19 15.28
N HIS A 329 -6.93 29.01 15.61
CA HIS A 329 -6.85 30.44 15.39
C HIS A 329 -7.04 31.19 16.70
N ASN A 330 -8.02 30.77 17.49
CA ASN A 330 -8.33 31.41 18.76
C ASN A 330 -7.95 30.56 19.98
N ASN A 331 -6.96 29.69 19.79
CA ASN A 331 -6.49 28.80 20.87
C ASN A 331 -5.82 29.58 22.01
N ASN A 332 -5.98 29.09 23.23
CA ASN A 332 -5.42 29.72 24.43
C ASN A 332 -3.99 29.29 24.69
N GLN A 333 -3.26 28.96 23.64
CA GLN A 333 -1.87 28.52 23.79
C GLN A 333 -1.21 28.27 22.44
N TRP A 334 0.05 28.68 22.32
CA TRP A 334 0.78 28.51 21.08
C TRP A 334 2.16 27.90 21.32
N LEU A 335 2.95 27.77 20.26
CA LEU A 335 4.28 27.16 20.37
C LEU A 335 5.37 27.93 19.62
N GLU A 336 6.12 28.76 20.35
CA GLU A 336 7.21 29.54 19.77
C GLU A 336 8.21 28.62 19.07
N PRO A 337 9.00 29.17 18.14
CA PRO A 337 10.00 28.38 17.40
C PRO A 337 10.82 27.41 18.25
N ASP A 338 11.62 27.98 19.16
CA ASP A 338 12.47 27.18 20.05
C ASP A 338 11.80 25.92 20.61
N ASP A 339 10.49 25.99 20.87
CA ASP A 339 9.78 24.83 21.40
C ASP A 339 9.75 23.72 20.36
N LEU A 340 9.48 24.11 19.12
CA LEU A 340 9.42 23.17 18.01
C LEU A 340 10.69 22.33 17.92
N LEU A 341 11.84 23.00 17.89
CA LEU A 341 13.14 22.34 17.82
C LEU A 341 13.28 21.25 18.87
N LYS A 342 12.56 21.41 19.98
CA LYS A 342 12.61 20.45 21.08
C LYS A 342 11.97 19.10 20.70
N LEU A 343 11.83 18.88 19.39
CA LEU A 343 11.25 17.65 18.88
C LEU A 343 11.70 17.41 17.44
N LEU A 344 12.07 16.17 17.11
CA LEU A 344 12.50 15.83 15.77
C LEU A 344 11.32 15.83 14.81
N MET B 18 6.15 2.58 -32.81
CA MET B 18 6.25 1.73 -31.59
C MET B 18 5.39 2.28 -30.46
N LEU B 19 5.95 3.23 -29.72
CA LEU B 19 5.25 3.82 -28.59
C LEU B 19 5.03 5.32 -28.73
N ASP B 20 5.57 5.92 -29.78
CA ASP B 20 5.38 7.36 -29.94
C ASP B 20 3.92 7.74 -30.06
N ASN B 21 3.50 8.69 -29.22
CA ASN B 21 2.14 9.20 -29.18
C ASN B 21 1.15 8.14 -28.68
N GLN B 22 1.69 7.15 -27.96
CA GLN B 22 0.89 6.06 -27.40
C GLN B 22 0.64 6.29 -25.91
N THR B 23 -0.50 5.83 -25.42
CA THR B 23 -0.80 5.98 -24.00
C THR B 23 -0.57 4.61 -23.38
N ILE B 24 0.23 4.58 -22.32
CA ILE B 24 0.53 3.33 -21.63
C ILE B 24 0.07 3.37 -20.18
N LEU B 25 -0.58 2.29 -19.75
CA LEU B 25 -1.04 2.18 -18.36
C LEU B 25 -0.39 0.96 -17.73
N ILE B 26 0.17 1.14 -16.54
CA ILE B 26 0.79 0.03 -15.86
C ILE B 26 0.24 -0.14 -14.46
N THR B 27 -0.36 -1.31 -14.21
CA THR B 27 -0.93 -1.61 -12.91
C THR B 27 0.24 -1.96 -12.01
N GLY B 28 0.16 -1.57 -10.75
CA GLY B 28 1.25 -1.83 -9.84
C GLY B 28 2.42 -0.96 -10.25
N GLY B 29 2.10 0.19 -10.86
CA GLY B 29 3.12 1.12 -11.33
C GLY B 29 4.08 1.70 -10.31
N THR B 30 3.76 1.58 -9.03
CA THR B 30 4.61 2.11 -7.99
C THR B 30 5.59 1.07 -7.45
N GLY B 31 5.58 -0.13 -8.03
CA GLY B 31 6.46 -1.18 -7.57
C GLY B 31 7.86 -1.19 -8.16
N SER B 32 8.67 -2.16 -7.78
CA SER B 32 10.04 -2.24 -8.28
C SER B 32 10.06 -2.27 -9.80
N PHE B 33 9.30 -3.17 -10.41
CA PHE B 33 9.24 -3.22 -11.87
C PHE B 33 8.67 -1.91 -12.41
N GLY B 34 7.53 -1.50 -11.86
CA GLY B 34 6.86 -0.28 -12.29
C GLY B 34 7.72 0.95 -12.46
N LYS B 35 8.43 1.35 -11.39
CA LYS B 35 9.27 2.53 -11.46
C LYS B 35 10.38 2.41 -12.49
N CYS B 36 11.01 1.25 -12.56
CA CYS B 36 12.07 1.03 -13.52
C CYS B 36 11.49 1.11 -14.92
N PHE B 37 10.32 0.49 -15.13
CA PHE B 37 9.68 0.49 -16.42
C PHE B 37 9.29 1.91 -16.84
N VAL B 38 8.70 2.67 -15.91
CA VAL B 38 8.28 4.03 -16.20
C VAL B 38 9.50 4.88 -16.57
N ARG B 39 10.55 4.76 -15.75
CA ARG B 39 11.77 5.50 -15.99
C ARG B 39 12.30 5.18 -17.39
N LYS B 40 12.31 3.91 -17.76
CA LYS B 40 12.78 3.47 -19.06
C LYS B 40 11.89 3.93 -20.23
N VAL B 41 10.58 3.99 -19.99
CA VAL B 41 9.67 4.42 -21.04
C VAL B 41 9.78 5.93 -21.28
N LEU B 42 9.88 6.70 -20.20
CA LEU B 42 10.03 8.15 -20.29
C LEU B 42 11.27 8.56 -21.06
N ASP B 43 12.35 7.82 -20.80
CA ASP B 43 13.66 8.08 -21.40
C ASP B 43 13.92 7.53 -22.79
N THR B 44 13.24 6.46 -23.17
CA THR B 44 13.52 5.87 -24.47
C THR B 44 12.41 5.78 -25.50
N THR B 45 11.23 6.30 -25.20
CA THR B 45 10.16 6.25 -26.18
C THR B 45 9.51 7.62 -26.29
N ASN B 46 8.61 7.76 -27.27
CA ASN B 46 7.90 9.00 -27.43
C ASN B 46 6.48 8.84 -26.88
N ALA B 47 6.31 7.96 -25.89
CA ALA B 47 5.01 7.74 -25.28
C ALA B 47 4.40 9.08 -24.89
N LYS B 48 3.14 9.30 -25.25
CA LYS B 48 2.46 10.55 -24.95
C LYS B 48 1.99 10.67 -23.50
N LYS B 49 1.67 9.54 -22.89
CA LYS B 49 1.16 9.55 -21.54
C LYS B 49 1.40 8.20 -20.87
N ILE B 50 1.95 8.23 -19.66
CA ILE B 50 2.22 7.02 -18.92
C ILE B 50 1.39 7.04 -17.65
N ILE B 51 0.50 6.07 -17.52
CA ILE B 51 -0.40 6.01 -16.38
C ILE B 51 -0.07 4.94 -15.35
N VAL B 52 0.05 5.38 -14.10
CA VAL B 52 0.30 4.48 -12.98
C VAL B 52 -1.03 4.20 -12.31
N TYR B 53 -1.35 2.91 -12.14
CA TYR B 53 -2.59 2.46 -11.52
C TYR B 53 -2.25 1.54 -10.36
N SER B 54 -2.41 2.05 -9.14
CA SER B 54 -2.12 1.29 -7.92
C SER B 54 -2.96 1.88 -6.78
N ARG B 55 -2.89 1.28 -5.60
CA ARG B 55 -3.72 1.72 -4.47
C ARG B 55 -3.17 2.72 -3.46
N ASP B 56 -1.86 2.74 -3.26
CA ASP B 56 -1.26 3.60 -2.24
C ASP B 56 -1.00 5.06 -2.59
N GLU B 57 -1.68 5.95 -1.88
CA GLU B 57 -1.55 7.39 -2.07
C GLU B 57 -0.15 7.85 -1.65
N LEU B 58 0.43 7.19 -0.65
CA LEU B 58 1.76 7.52 -0.16
C LEU B 58 2.78 7.33 -1.28
N LYS B 59 2.82 6.10 -1.81
CA LYS B 59 3.75 5.77 -2.89
C LYS B 59 3.53 6.58 -4.15
N GLN B 60 2.28 6.89 -4.45
CA GLN B 60 2.01 7.65 -5.66
C GLN B 60 2.40 9.12 -5.56
N SER B 61 2.23 9.72 -4.40
CA SER B 61 2.61 11.11 -4.26
C SER B 61 4.13 11.20 -4.29
N GLU B 62 4.80 10.22 -3.68
CA GLU B 62 6.24 10.21 -3.66
C GLU B 62 6.78 9.89 -5.04
N MET B 63 6.09 9.02 -5.78
CA MET B 63 6.54 8.69 -7.12
C MET B 63 6.26 9.85 -8.05
N ALA B 64 5.31 10.70 -7.68
CA ALA B 64 5.00 11.87 -8.49
C ALA B 64 6.08 12.93 -8.27
N MET B 65 6.53 13.07 -7.03
CA MET B 65 7.58 14.04 -6.70
C MET B 65 8.90 13.64 -7.35
N GLU B 66 9.23 12.36 -7.33
CA GLU B 66 10.49 11.90 -7.92
C GLU B 66 10.42 11.86 -9.44
N PHE B 67 9.20 11.72 -9.99
CA PHE B 67 9.01 11.72 -11.44
C PHE B 67 8.18 12.97 -11.76
N ASN B 68 8.79 14.15 -11.71
CA ASN B 68 8.06 15.37 -12.01
C ASN B 68 8.09 15.59 -13.51
N ASP B 69 7.22 14.88 -14.22
CA ASP B 69 7.15 14.95 -15.67
C ASP B 69 5.70 15.03 -16.11
N PRO B 70 5.39 15.93 -17.06
CA PRO B 70 4.05 16.14 -17.60
C PRO B 70 3.40 14.89 -18.22
N ARG B 71 4.23 13.97 -18.69
CA ARG B 71 3.77 12.75 -19.35
C ARG B 71 3.15 11.74 -18.39
N MET B 72 3.32 11.97 -17.10
CA MET B 72 2.77 11.07 -16.09
C MET B 72 1.34 11.43 -15.70
N ARG B 73 0.63 10.45 -15.17
CA ARG B 73 -0.72 10.64 -14.68
C ARG B 73 -0.94 9.54 -13.66
N PHE B 74 -1.38 9.93 -12.46
CA PHE B 74 -1.59 8.95 -11.41
C PHE B 74 -3.04 8.67 -11.05
N PHE B 75 -3.40 7.40 -11.15
CA PHE B 75 -4.74 6.94 -10.84
C PHE B 75 -4.71 6.06 -9.59
N ILE B 76 -5.53 6.38 -8.60
CA ILE B 76 -5.64 5.55 -7.41
C ILE B 76 -6.73 4.55 -7.75
N GLY B 77 -6.42 3.26 -7.66
CA GLY B 77 -7.40 2.25 -7.98
C GLY B 77 -6.91 0.87 -7.59
N ASP B 78 -7.82 -0.08 -7.53
CA ASP B 78 -7.50 -1.45 -7.17
C ASP B 78 -7.83 -2.34 -8.36
N VAL B 79 -7.02 -3.35 -8.65
CA VAL B 79 -7.32 -4.23 -9.77
C VAL B 79 -8.50 -5.14 -9.47
N ARG B 80 -8.95 -5.15 -8.22
CA ARG B 80 -10.09 -5.97 -7.81
C ARG B 80 -11.39 -5.24 -8.15
N ASP B 81 -11.26 -3.96 -8.54
CA ASP B 81 -12.39 -3.09 -8.85
C ASP B 81 -12.59 -2.92 -10.35
N LEU B 82 -13.50 -3.71 -10.93
CA LEU B 82 -13.74 -3.67 -12.37
C LEU B 82 -14.22 -2.32 -12.91
N GLU B 83 -15.06 -1.64 -12.15
CA GLU B 83 -15.57 -0.35 -12.59
C GLU B 83 -14.42 0.66 -12.68
N ARG B 84 -13.57 0.68 -11.66
CA ARG B 84 -12.44 1.60 -11.62
C ARG B 84 -11.49 1.40 -12.80
N LEU B 85 -11.21 0.14 -13.14
CA LEU B 85 -10.34 -0.17 -14.26
C LEU B 85 -10.95 0.26 -15.59
N ASN B 86 -12.25 0.01 -15.76
CA ASN B 86 -12.94 0.40 -17.00
C ASN B 86 -12.70 1.86 -17.28
N TYR B 87 -12.72 2.64 -16.22
CA TYR B 87 -12.53 4.08 -16.28
C TYR B 87 -11.06 4.46 -16.50
N ALA B 88 -10.16 3.85 -15.75
CA ALA B 88 -8.74 4.15 -15.87
C ALA B 88 -8.17 3.78 -17.24
N LEU B 89 -8.69 2.72 -17.84
CA LEU B 89 -8.21 2.28 -19.15
C LEU B 89 -8.79 3.00 -20.37
N GLU B 90 -9.64 3.98 -20.15
CA GLU B 90 -10.21 4.72 -21.28
C GLU B 90 -9.09 5.45 -22.02
N GLY B 91 -9.01 5.23 -23.34
CA GLY B 91 -7.99 5.89 -24.14
C GLY B 91 -6.59 5.31 -24.08
N VAL B 92 -6.46 4.13 -23.49
CA VAL B 92 -5.14 3.51 -23.38
C VAL B 92 -4.85 2.59 -24.58
N ASP B 93 -3.60 2.62 -25.04
CA ASP B 93 -3.17 1.81 -26.17
C ASP B 93 -2.46 0.54 -25.73
N ILE B 94 -1.67 0.66 -24.66
CA ILE B 94 -0.93 -0.48 -24.14
C ILE B 94 -1.07 -0.58 -22.62
N CYS B 95 -1.21 -1.80 -22.14
CA CYS B 95 -1.34 -2.05 -20.71
C CYS B 95 -0.32 -3.06 -20.25
N ILE B 96 0.42 -2.70 -19.21
CA ILE B 96 1.41 -3.59 -18.61
C ILE B 96 0.82 -3.91 -17.24
N HIS B 97 0.58 -5.19 -16.99
CA HIS B 97 -0.01 -5.65 -15.74
C HIS B 97 1.06 -6.22 -14.81
N ALA B 98 1.44 -5.43 -13.82
CA ALA B 98 2.45 -5.83 -12.86
C ALA B 98 1.92 -5.81 -11.43
N ALA B 99 0.62 -5.54 -11.27
CA ALA B 99 0.01 -5.51 -9.94
C ALA B 99 -0.09 -6.94 -9.40
N ALA B 100 0.24 -7.12 -8.12
CA ALA B 100 0.18 -8.46 -7.55
C ALA B 100 0.53 -8.53 -6.08
N LEU B 101 0.26 -9.68 -5.50
CA LEU B 101 0.61 -9.99 -4.12
C LEU B 101 1.59 -11.13 -4.38
N LYS B 102 2.88 -10.87 -4.14
CA LYS B 102 3.91 -11.87 -4.45
C LYS B 102 4.66 -12.51 -3.28
N HIS B 103 4.39 -12.06 -2.05
CA HIS B 103 5.06 -12.64 -0.89
C HIS B 103 4.47 -14.02 -0.66
N VAL B 104 5.21 -15.05 -1.05
CA VAL B 104 4.78 -16.44 -0.93
C VAL B 104 4.26 -16.83 0.45
N PRO B 105 5.03 -16.57 1.51
CA PRO B 105 4.53 -16.96 2.83
C PRO B 105 3.22 -16.26 3.18
N ILE B 106 3.18 -14.95 3.01
CA ILE B 106 1.96 -14.20 3.31
C ILE B 106 0.77 -14.67 2.46
N ALA B 107 1.08 -15.22 1.28
CA ALA B 107 0.04 -15.72 0.39
C ALA B 107 -0.53 -17.04 0.94
N GLU B 108 0.32 -17.79 1.64
CA GLU B 108 -0.10 -19.07 2.23
C GLU B 108 -1.03 -18.79 3.40
N TYR B 109 -0.81 -17.68 4.09
CA TYR B 109 -1.63 -17.31 5.24
C TYR B 109 -2.86 -16.48 4.85
N ASN B 110 -2.78 -15.78 3.73
CA ASN B 110 -3.90 -14.97 3.25
C ASN B 110 -4.20 -15.45 1.84
N PRO B 111 -4.52 -16.75 1.68
CA PRO B 111 -4.80 -17.30 0.36
C PRO B 111 -5.89 -16.64 -0.50
N LEU B 112 -7.00 -16.24 0.10
CA LEU B 112 -8.08 -15.60 -0.65
C LEU B 112 -7.69 -14.21 -1.15
N GLU B 113 -6.83 -13.52 -0.38
CA GLU B 113 -6.39 -12.20 -0.79
C GLU B 113 -5.52 -12.31 -2.05
N CYS B 114 -4.63 -13.30 -2.06
CA CYS B 114 -3.75 -13.49 -3.21
C CYS B 114 -4.60 -13.84 -4.45
N ILE B 115 -5.61 -14.68 -4.24
CA ILE B 115 -6.51 -15.08 -5.31
C ILE B 115 -7.30 -13.89 -5.87
N LYS B 116 -7.80 -13.04 -4.98
CA LYS B 116 -8.56 -11.87 -5.42
C LYS B 116 -7.71 -10.95 -6.27
N THR B 117 -6.50 -10.65 -5.78
CA THR B 117 -5.60 -9.77 -6.50
C THR B 117 -4.98 -10.34 -7.75
N ASN B 118 -4.45 -11.55 -7.66
CA ASN B 118 -3.77 -12.14 -8.81
C ASN B 118 -4.67 -12.73 -9.90
N ILE B 119 -5.73 -13.45 -9.48
CA ILE B 119 -6.63 -14.07 -10.45
C ILE B 119 -7.80 -13.16 -10.83
N MET B 120 -8.59 -12.71 -9.87
CA MET B 120 -9.71 -11.83 -10.23
C MET B 120 -9.16 -10.53 -10.83
N GLY B 121 -8.00 -10.11 -10.35
CA GLY B 121 -7.40 -8.89 -10.86
C GLY B 121 -7.05 -9.02 -12.31
N ALA B 122 -6.61 -10.22 -12.69
CA ALA B 122 -6.24 -10.51 -14.08
C ALA B 122 -7.49 -10.44 -14.95
N SER B 123 -8.55 -11.07 -14.47
CA SER B 123 -9.82 -11.10 -15.17
C SER B 123 -10.38 -9.70 -15.39
N ASN B 124 -10.28 -8.83 -14.38
CA ASN B 124 -10.79 -7.47 -14.51
C ASN B 124 -9.95 -6.63 -15.47
N VAL B 125 -8.63 -6.74 -15.35
CA VAL B 125 -7.74 -6.01 -16.23
C VAL B 125 -8.11 -6.41 -17.66
N ILE B 126 -8.24 -7.71 -17.89
CA ILE B 126 -8.59 -8.22 -19.24
C ILE B 126 -9.91 -7.63 -19.74
N ASN B 127 -10.92 -7.70 -18.88
CA ASN B 127 -12.24 -7.18 -19.20
C ASN B 127 -12.12 -5.69 -19.60
N ALA B 128 -11.52 -4.88 -18.75
CA ALA B 128 -11.37 -3.46 -19.04
C ALA B 128 -10.58 -3.17 -20.31
N CYS B 129 -9.63 -4.03 -20.65
CA CYS B 129 -8.83 -3.81 -21.85
C CYS B 129 -9.64 -4.08 -23.12
N LEU B 130 -10.43 -5.13 -23.09
CA LEU B 130 -11.28 -5.46 -24.23
C LEU B 130 -12.31 -4.35 -24.44
N LYS B 131 -12.93 -3.90 -23.36
CA LYS B 131 -13.93 -2.85 -23.47
C LYS B 131 -13.38 -1.53 -23.99
N ASN B 132 -12.18 -1.16 -23.55
CA ASN B 132 -11.57 0.10 -23.97
C ASN B 132 -10.75 -0.03 -25.25
N ALA B 133 -10.79 -1.23 -25.82
CA ALA B 133 -10.09 -1.55 -27.05
C ALA B 133 -8.60 -1.26 -27.04
N ILE B 134 -7.91 -1.76 -26.02
CA ILE B 134 -6.47 -1.59 -25.88
C ILE B 134 -5.81 -2.42 -27.01
N SER B 135 -4.66 -1.98 -27.52
CA SER B 135 -4.00 -2.73 -28.59
C SER B 135 -3.17 -3.91 -28.11
N GLN B 136 -2.34 -3.66 -27.10
CA GLN B 136 -1.48 -4.70 -26.57
C GLN B 136 -1.49 -4.72 -25.06
N VAL B 137 -1.41 -5.92 -24.50
CA VAL B 137 -1.38 -6.08 -23.06
C VAL B 137 -0.36 -7.14 -22.72
N ILE B 138 0.46 -6.86 -21.72
CA ILE B 138 1.46 -7.80 -21.25
C ILE B 138 1.40 -7.92 -19.75
N ALA B 139 1.18 -9.14 -19.28
CA ALA B 139 1.11 -9.41 -17.86
C ALA B 139 2.41 -10.06 -17.42
N LEU B 140 2.89 -9.66 -16.26
CA LEU B 140 4.11 -10.20 -15.70
C LEU B 140 3.80 -11.47 -14.93
N SER B 141 4.45 -12.56 -15.34
CA SER B 141 4.29 -13.85 -14.69
C SER B 141 5.52 -14.08 -13.82
N THR B 142 5.69 -15.30 -13.35
CA THR B 142 6.83 -15.64 -12.50
C THR B 142 7.21 -17.09 -12.75
N ASP B 143 8.47 -17.42 -12.48
CA ASP B 143 8.94 -18.78 -12.67
C ASP B 143 8.29 -19.71 -11.64
N LYS B 144 7.71 -19.11 -10.60
CA LYS B 144 7.03 -19.88 -9.57
C LYS B 144 5.69 -20.39 -10.07
N ALA B 145 5.31 -19.96 -11.27
CA ALA B 145 4.06 -20.38 -11.89
C ALA B 145 4.22 -21.64 -12.75
N ALA B 146 5.46 -22.08 -12.97
CA ALA B 146 5.71 -23.29 -13.75
C ALA B 146 5.70 -24.47 -12.77
N ASN B 147 4.85 -25.47 -13.03
CA ASN B 147 4.75 -26.62 -12.13
C ASN B 147 4.74 -26.11 -10.68
N PRO B 148 3.88 -25.13 -10.38
CA PRO B 148 3.81 -24.57 -9.03
C PRO B 148 3.49 -25.51 -7.88
N ILE B 149 3.95 -25.15 -6.68
CA ILE B 149 3.66 -25.92 -5.47
C ILE B 149 3.13 -25.01 -4.36
N ASN B 150 3.35 -23.70 -4.52
CA ASN B 150 2.85 -22.73 -3.54
C ASN B 150 1.68 -21.94 -4.13
N LEU B 151 0.81 -21.43 -3.27
CA LEU B 151 -0.38 -20.71 -3.71
C LEU B 151 -0.12 -19.54 -4.64
N TYR B 152 0.84 -18.68 -4.27
CA TYR B 152 1.16 -17.53 -5.11
C TYR B 152 1.38 -17.98 -6.56
N GLY B 153 2.23 -19.00 -6.72
CA GLY B 153 2.54 -19.51 -8.04
C GLY B 153 1.32 -20.04 -8.76
N ALA B 154 0.46 -20.72 -8.02
CA ALA B 154 -0.76 -21.28 -8.61
C ALA B 154 -1.64 -20.15 -9.14
N THR B 155 -1.75 -19.06 -8.39
CA THR B 155 -2.59 -17.94 -8.82
C THR B 155 -2.03 -17.30 -10.09
N LYS B 156 -0.71 -17.23 -10.21
CA LYS B 156 -0.09 -16.65 -11.41
C LYS B 156 -0.30 -17.53 -12.62
N LEU B 157 -0.25 -18.85 -12.42
CA LEU B 157 -0.47 -19.78 -13.51
C LEU B 157 -1.90 -19.58 -14.03
N CYS B 158 -2.86 -19.38 -13.12
CA CYS B 158 -4.25 -19.13 -13.52
C CYS B 158 -4.29 -17.81 -14.27
N SER B 159 -3.56 -16.83 -13.74
CA SER B 159 -3.49 -15.52 -14.38
C SER B 159 -3.00 -15.69 -15.82
N ASP B 160 -1.83 -16.30 -15.98
CA ASP B 160 -1.25 -16.51 -17.30
C ASP B 160 -2.24 -17.17 -18.25
N LYS B 161 -2.93 -18.19 -17.75
CA LYS B 161 -3.92 -18.92 -18.55
C LYS B 161 -5.03 -17.99 -19.01
N LEU B 162 -5.53 -17.14 -18.11
CA LEU B 162 -6.58 -16.21 -18.48
C LEU B 162 -6.10 -15.29 -19.60
N PHE B 163 -4.92 -14.73 -19.42
CA PHE B 163 -4.35 -13.82 -20.40
C PHE B 163 -4.15 -14.46 -21.78
N VAL B 164 -3.59 -15.66 -21.82
CA VAL B 164 -3.38 -16.36 -23.08
C VAL B 164 -4.74 -16.60 -23.75
N SER B 165 -5.70 -17.02 -22.94
CA SER B 165 -7.05 -17.31 -23.41
C SER B 165 -7.81 -16.10 -23.93
N ALA B 166 -7.51 -14.94 -23.37
CA ALA B 166 -8.19 -13.70 -23.76
C ALA B 166 -8.07 -13.36 -25.25
N ASN B 167 -7.14 -14.00 -25.94
CA ASN B 167 -6.91 -13.76 -27.36
C ASN B 167 -7.97 -14.34 -28.30
N ASN B 168 -8.95 -15.06 -27.76
CA ASN B 168 -10.03 -15.62 -28.57
C ASN B 168 -11.13 -14.61 -28.85
N PHE B 169 -11.00 -13.41 -28.29
CA PHE B 169 -11.99 -12.36 -28.49
C PHE B 169 -11.65 -11.62 -29.79
N LYS B 170 -12.68 -11.16 -30.50
CA LYS B 170 -12.47 -10.44 -31.76
C LYS B 170 -13.58 -9.42 -32.03
N GLY B 171 -13.97 -8.68 -31.00
CA GLY B 171 -15.02 -7.69 -31.14
C GLY B 171 -14.58 -6.47 -31.95
N SER B 172 -14.51 -5.32 -31.28
CA SER B 172 -14.09 -4.07 -31.93
C SER B 172 -12.71 -4.21 -32.54
N SER B 173 -11.68 -3.84 -31.77
CA SER B 173 -10.31 -3.93 -32.22
C SER B 173 -9.70 -5.21 -31.65
N GLN B 174 -8.76 -5.80 -32.38
CA GLN B 174 -8.12 -7.04 -31.94
C GLN B 174 -7.09 -6.75 -30.85
N THR B 175 -7.47 -6.95 -29.59
CA THR B 175 -6.57 -6.72 -28.46
C THR B 175 -5.66 -7.93 -28.30
N GLN B 176 -4.35 -7.69 -28.20
CA GLN B 176 -3.40 -8.79 -28.04
C GLN B 176 -2.92 -8.89 -26.60
N PHE B 177 -2.94 -10.11 -26.07
CA PHE B 177 -2.51 -10.36 -24.69
C PHE B 177 -1.35 -11.34 -24.67
N SER B 178 -0.28 -10.98 -23.99
CA SER B 178 0.87 -11.87 -23.88
C SER B 178 1.35 -11.92 -22.44
N VAL B 179 2.28 -12.82 -22.17
CA VAL B 179 2.83 -12.99 -20.84
C VAL B 179 4.35 -13.02 -20.86
N VAL B 180 4.98 -12.35 -19.89
CA VAL B 180 6.43 -12.34 -19.79
C VAL B 180 6.77 -12.99 -18.47
N ARG B 181 7.48 -14.11 -18.54
CA ARG B 181 7.84 -14.84 -17.34
C ARG B 181 9.33 -14.96 -17.08
N TYR B 182 9.74 -14.60 -15.86
CA TYR B 182 11.14 -14.73 -15.46
C TYR B 182 11.19 -14.73 -13.95
N GLY B 183 12.30 -15.19 -13.38
CA GLY B 183 12.41 -15.28 -11.94
C GLY B 183 12.91 -14.10 -11.15
N ASN B 184 13.36 -14.39 -9.93
CA ASN B 184 13.89 -13.42 -8.98
C ASN B 184 14.68 -12.30 -9.64
N VAL B 185 14.42 -11.08 -9.18
CA VAL B 185 15.13 -9.90 -9.70
C VAL B 185 16.18 -9.48 -8.69
N VAL B 186 17.43 -9.41 -9.15
CA VAL B 186 18.56 -9.02 -8.32
C VAL B 186 18.28 -7.77 -7.47
N GLY B 187 18.72 -7.80 -6.23
CA GLY B 187 18.54 -6.66 -5.34
C GLY B 187 17.10 -6.26 -5.01
N SER B 188 16.16 -6.71 -5.84
CA SER B 188 14.73 -6.40 -5.66
C SER B 188 14.37 -5.94 -4.24
N ARG B 189 13.60 -4.85 -4.16
CA ARG B 189 13.18 -4.27 -2.89
C ARG B 189 12.81 -5.29 -1.82
N GLY B 190 13.77 -5.61 -0.95
CA GLY B 190 13.51 -6.56 0.10
C GLY B 190 13.64 -8.00 -0.34
N SER B 191 14.81 -8.35 -0.87
CA SER B 191 15.05 -9.71 -1.33
C SER B 191 16.33 -10.29 -0.72
N VAL B 192 16.78 -11.41 -1.28
CA VAL B 192 17.97 -12.07 -0.78
C VAL B 192 19.19 -11.13 -0.74
N VAL B 193 19.75 -10.83 -1.91
CA VAL B 193 20.93 -9.97 -2.02
C VAL B 193 20.96 -8.75 -1.09
N PRO B 194 20.01 -7.82 -1.24
CA PRO B 194 20.00 -6.64 -0.37
C PRO B 194 20.12 -6.94 1.12
N PHE B 195 19.02 -7.38 1.73
CA PHE B 195 19.01 -7.70 3.15
C PHE B 195 20.19 -8.60 3.58
N PHE B 196 20.82 -9.24 2.59
CA PHE B 196 21.95 -10.11 2.85
C PHE B 196 23.20 -9.27 3.09
N LYS B 197 23.23 -8.10 2.45
CA LYS B 197 24.36 -7.19 2.60
C LYS B 197 24.36 -6.60 4.00
N LYS B 198 23.16 -6.38 4.55
CA LYS B 198 23.05 -5.85 5.90
C LYS B 198 23.74 -6.83 6.82
N LEU B 199 23.74 -8.09 6.41
CA LEU B 199 24.37 -9.16 7.17
C LEU B 199 25.88 -9.02 7.21
N VAL B 200 26.51 -9.21 6.06
CA VAL B 200 27.96 -9.11 5.95
C VAL B 200 28.43 -7.70 6.28
N GLN B 201 27.47 -6.82 6.56
CA GLN B 201 27.75 -5.43 6.91
C GLN B 201 27.58 -5.24 8.42
N ASN B 202 26.77 -6.10 9.04
CA ASN B 202 26.53 -6.01 10.47
C ASN B 202 27.44 -6.96 11.24
N LYS B 203 28.58 -7.27 10.65
CA LYS B 203 29.57 -8.16 11.26
C LYS B 203 29.04 -9.56 11.56
N ALA B 204 27.75 -9.79 11.28
CA ALA B 204 27.09 -11.08 11.52
C ALA B 204 28.07 -12.25 11.49
N SER B 205 28.02 -13.06 12.55
CA SER B 205 28.92 -14.22 12.68
C SER B 205 28.54 -15.39 11.79
N GLU B 206 27.59 -15.17 10.89
CA GLU B 206 27.14 -16.22 9.97
C GLU B 206 26.05 -15.73 9.03
N ILE B 207 25.85 -16.47 7.93
CA ILE B 207 24.86 -16.13 6.92
C ILE B 207 23.77 -17.20 6.80
N PRO B 208 22.49 -16.80 6.91
CA PRO B 208 21.34 -17.70 6.81
C PRO B 208 21.21 -18.36 5.42
N ILE B 209 21.25 -19.67 5.40
CA ILE B 209 21.13 -20.42 4.14
C ILE B 209 20.14 -21.57 4.31
N THR B 210 19.00 -21.46 3.64
CA THR B 210 17.95 -22.46 3.70
C THR B 210 18.41 -23.85 3.27
N ASP B 211 19.30 -23.90 2.27
CA ASP B 211 19.81 -25.18 1.78
C ASP B 211 21.09 -24.98 0.96
N ILE B 212 21.86 -26.06 0.79
CA ILE B 212 23.11 -25.99 0.06
C ILE B 212 22.96 -26.11 -1.46
N ARG B 213 22.07 -26.98 -1.91
CA ARG B 213 21.86 -27.18 -3.34
C ARG B 213 20.82 -26.22 -3.93
N MET B 214 20.48 -25.19 -3.16
CA MET B 214 19.50 -24.19 -3.58
C MET B 214 20.00 -23.31 -4.72
N THR B 215 19.38 -23.43 -5.89
CA THR B 215 19.78 -22.61 -7.05
C THR B 215 18.61 -21.72 -7.47
N ARG B 216 18.89 -20.70 -8.29
CA ARG B 216 17.87 -19.77 -8.75
C ARG B 216 18.30 -19.02 -10.01
N PHE B 217 17.33 -18.58 -10.80
CA PHE B 217 17.60 -17.82 -12.02
C PHE B 217 17.86 -16.38 -11.62
N TRP B 218 18.72 -15.70 -12.37
CA TRP B 218 18.99 -14.31 -12.07
C TRP B 218 18.88 -13.38 -13.26
N ILE B 219 18.22 -12.27 -13.01
CA ILE B 219 17.98 -11.26 -14.03
C ILE B 219 17.93 -9.95 -13.28
N THR B 220 18.39 -8.88 -13.92
CA THR B 220 18.37 -7.58 -13.30
C THR B 220 17.07 -6.89 -13.61
N LEU B 221 16.71 -5.96 -12.75
CA LEU B 221 15.50 -5.16 -12.89
C LEU B 221 15.48 -4.54 -14.29
N ASP B 222 16.60 -3.98 -14.72
CA ASP B 222 16.67 -3.36 -16.04
C ASP B 222 16.57 -4.34 -17.20
N GLU B 223 17.10 -5.55 -17.04
CA GLU B 223 17.00 -6.54 -18.12
C GLU B 223 15.53 -6.94 -18.31
N GLY B 224 14.83 -7.17 -17.21
CA GLY B 224 13.42 -7.55 -17.29
C GLY B 224 12.62 -6.50 -18.03
N VAL B 225 12.77 -5.24 -17.60
CA VAL B 225 12.08 -4.13 -18.24
C VAL B 225 12.38 -4.15 -19.74
N SER B 226 13.66 -4.31 -20.07
CA SER B 226 14.11 -4.37 -21.45
C SER B 226 13.39 -5.49 -22.21
N PHE B 227 13.37 -6.67 -21.60
CA PHE B 227 12.74 -7.84 -22.20
C PHE B 227 11.25 -7.63 -22.41
N VAL B 228 10.60 -6.89 -21.51
CA VAL B 228 9.19 -6.62 -21.66
C VAL B 228 8.98 -5.76 -22.90
N LEU B 229 9.84 -4.75 -23.07
CA LEU B 229 9.74 -3.86 -24.22
C LEU B 229 10.03 -4.58 -25.55
N LYS B 230 10.94 -5.55 -25.54
CA LYS B 230 11.22 -6.27 -26.77
C LYS B 230 10.00 -7.14 -27.09
N SER B 231 9.45 -7.77 -26.05
CA SER B 231 8.27 -8.64 -26.19
C SER B 231 7.11 -7.87 -26.84
N LEU B 232 6.96 -6.60 -26.50
CA LEU B 232 5.91 -5.77 -27.07
C LEU B 232 6.14 -5.59 -28.57
N LYS B 233 7.41 -5.49 -28.95
CA LYS B 233 7.76 -5.28 -30.36
C LYS B 233 7.61 -6.52 -31.23
N ARG B 234 7.65 -7.69 -30.62
CA ARG B 234 7.56 -8.93 -31.38
C ARG B 234 6.28 -9.76 -31.18
N MET B 235 5.51 -9.47 -30.14
CA MET B 235 4.29 -10.23 -29.83
C MET B 235 3.17 -10.26 -30.87
N HIS B 236 2.55 -11.42 -30.97
CA HIS B 236 1.42 -11.65 -31.87
C HIS B 236 0.17 -11.75 -30.99
N GLY B 237 0.40 -11.99 -29.70
CA GLY B 237 -0.71 -12.13 -28.77
C GLY B 237 -0.97 -13.61 -28.52
N GLY B 238 -0.63 -14.08 -27.32
CA GLY B 238 -0.85 -15.48 -26.99
C GLY B 238 0.40 -16.16 -26.47
N GLU B 239 1.54 -15.49 -26.61
CA GLU B 239 2.81 -16.05 -26.18
C GLU B 239 3.14 -15.84 -24.71
N ILE B 240 4.06 -16.67 -24.23
CA ILE B 240 4.59 -16.55 -22.89
C ILE B 240 6.06 -16.42 -23.25
N PHE B 241 6.60 -15.21 -23.15
CA PHE B 241 7.98 -14.97 -23.48
C PHE B 241 8.86 -15.31 -22.28
N VAL B 242 9.85 -16.16 -22.50
CA VAL B 242 10.78 -16.53 -21.45
C VAL B 242 12.19 -16.15 -21.92
N PRO B 243 12.89 -15.32 -21.13
CA PRO B 243 14.24 -14.88 -21.49
C PRO B 243 15.31 -15.89 -21.11
N LYS B 244 16.37 -15.96 -21.90
CA LYS B 244 17.47 -16.86 -21.58
C LYS B 244 18.34 -16.14 -20.54
N ILE B 245 18.22 -16.57 -19.29
CA ILE B 245 18.99 -15.97 -18.22
C ILE B 245 19.77 -17.06 -17.49
N PRO B 246 20.84 -16.67 -16.77
CA PRO B 246 21.68 -17.62 -16.03
C PRO B 246 21.17 -18.02 -14.66
N SER B 247 21.52 -19.24 -14.25
CA SER B 247 21.14 -19.75 -12.93
C SER B 247 22.26 -19.36 -11.97
N MET B 248 22.17 -19.79 -10.73
CA MET B 248 23.19 -19.48 -9.73
C MET B 248 22.92 -20.22 -8.44
N LYS B 249 23.96 -20.88 -7.92
CA LYS B 249 23.83 -21.62 -6.68
C LYS B 249 23.85 -20.60 -5.54
N MET B 250 22.94 -20.74 -4.59
CA MET B 250 22.91 -19.80 -3.47
C MET B 250 24.17 -19.97 -2.64
N THR B 251 24.87 -21.07 -2.88
CA THR B 251 26.13 -21.37 -2.19
C THR B 251 27.16 -20.29 -2.53
N ASP B 252 27.17 -19.88 -3.79
CA ASP B 252 28.12 -18.88 -4.26
C ASP B 252 27.62 -17.44 -4.07
N LEU B 253 26.31 -17.26 -3.94
CA LEU B 253 25.75 -15.93 -3.72
C LEU B 253 26.12 -15.45 -2.33
N ALA B 254 26.22 -16.38 -1.39
CA ALA B 254 26.58 -16.04 -0.02
C ALA B 254 28.08 -15.78 0.05
N LYS B 255 28.84 -16.59 -0.68
CA LYS B 255 30.29 -16.47 -0.70
C LYS B 255 30.72 -15.37 -1.69
N ALA B 256 29.81 -14.43 -1.93
CA ALA B 256 30.05 -13.32 -2.82
C ALA B 256 29.93 -12.05 -1.99
N LEU B 257 28.79 -11.91 -1.31
CA LEU B 257 28.55 -10.76 -0.45
C LEU B 257 29.26 -10.99 0.88
N ALA B 258 29.68 -12.23 1.10
CA ALA B 258 30.37 -12.61 2.32
C ALA B 258 31.51 -13.57 2.00
N PRO B 259 32.63 -13.04 1.46
CA PRO B 259 33.78 -13.86 1.11
C PRO B 259 34.30 -14.67 2.31
N ASN B 260 34.26 -14.05 3.48
CA ASN B 260 34.73 -14.68 4.71
C ASN B 260 33.66 -14.65 5.81
N THR B 261 32.75 -15.62 5.76
CA THR B 261 31.68 -15.73 6.75
C THR B 261 31.04 -17.11 6.65
N PRO B 262 30.86 -17.78 7.80
CA PRO B 262 30.24 -19.12 7.84
C PRO B 262 28.74 -19.07 7.54
N THR B 263 28.18 -20.21 7.14
CA THR B 263 26.77 -20.30 6.80
C THR B 263 25.95 -21.10 7.81
N LYS B 264 24.81 -20.51 8.22
CA LYS B 264 23.89 -21.14 9.17
C LYS B 264 22.87 -22.00 8.41
N ILE B 265 23.33 -23.16 7.95
CA ILE B 265 22.46 -24.07 7.19
C ILE B 265 21.14 -24.32 7.91
N ILE B 266 20.14 -23.50 7.60
CA ILE B 266 18.82 -23.63 8.22
C ILE B 266 17.95 -24.58 7.39
N GLY B 267 16.64 -24.32 7.34
CA GLY B 267 15.75 -25.18 6.59
C GLY B 267 15.01 -24.51 5.43
N ILE B 268 14.02 -25.22 4.89
CA ILE B 268 13.21 -24.72 3.79
C ILE B 268 12.01 -23.92 4.27
N ARG B 269 11.76 -22.78 3.62
CA ARG B 269 10.64 -21.91 3.97
C ARG B 269 9.32 -22.61 3.65
N PRO B 270 8.19 -22.04 4.09
CA PRO B 270 6.88 -22.64 3.82
C PRO B 270 6.69 -23.30 2.45
N GLY B 271 6.68 -22.51 1.38
CA GLY B 271 6.47 -23.09 0.07
C GLY B 271 7.60 -22.97 -0.94
N GLU B 272 8.84 -23.19 -0.51
CA GLU B 272 9.98 -23.09 -1.43
C GLU B 272 10.27 -24.39 -2.17
N LYS B 273 10.98 -24.25 -3.28
CA LYS B 273 11.42 -25.37 -4.10
C LYS B 273 12.93 -25.24 -4.10
N LEU B 274 13.65 -26.30 -4.45
CA LEU B 274 15.09 -26.22 -4.50
C LEU B 274 15.49 -25.51 -5.78
N HIS B 275 14.84 -25.90 -6.88
CA HIS B 275 15.12 -25.31 -8.18
C HIS B 275 13.82 -24.83 -8.84
N GLU B 276 13.86 -23.62 -9.38
CA GLU B 276 12.70 -23.03 -10.05
C GLU B 276 12.69 -23.41 -11.53
N VAL B 277 11.52 -23.81 -12.03
CA VAL B 277 11.38 -24.18 -13.44
C VAL B 277 10.94 -22.96 -14.24
N MET B 278 11.42 -22.86 -15.48
CA MET B 278 11.06 -21.75 -16.35
C MET B 278 10.17 -22.32 -17.45
N ILE B 279 10.62 -23.42 -18.04
CA ILE B 279 9.85 -24.12 -19.06
C ILE B 279 9.76 -25.59 -18.65
N PRO B 280 8.56 -26.07 -18.33
CA PRO B 280 8.36 -27.46 -17.92
C PRO B 280 8.64 -28.46 -19.03
N LYS B 281 8.97 -29.68 -18.61
CA LYS B 281 9.27 -30.78 -19.52
C LYS B 281 7.98 -31.14 -20.26
N ASP B 282 6.87 -31.17 -19.53
CA ASP B 282 5.57 -31.52 -20.11
C ASP B 282 5.09 -30.51 -21.13
N GLU B 283 5.68 -29.31 -21.14
CA GLU B 283 5.28 -28.29 -22.09
C GLU B 283 6.33 -28.07 -23.17
N SER B 284 7.50 -28.68 -22.96
CA SER B 284 8.62 -28.56 -23.90
C SER B 284 8.16 -28.54 -25.35
N HIS B 285 7.29 -29.48 -25.71
CA HIS B 285 6.79 -29.58 -27.08
C HIS B 285 6.12 -28.33 -27.61
N LEU B 286 5.69 -27.43 -26.74
CA LEU B 286 5.04 -26.20 -27.16
C LEU B 286 6.07 -25.08 -27.26
N ALA B 287 7.30 -25.37 -26.86
CA ALA B 287 8.37 -24.39 -26.87
C ALA B 287 8.97 -24.12 -28.25
N LEU B 288 9.68 -22.99 -28.33
CA LEU B 288 10.35 -22.57 -29.55
C LEU B 288 11.56 -21.79 -29.10
N GLU B 289 12.74 -22.19 -29.56
CA GLU B 289 13.94 -21.48 -29.15
C GLU B 289 14.31 -20.38 -30.15
N PHE B 290 14.87 -19.30 -29.61
CA PHE B 290 15.31 -18.17 -30.38
C PHE B 290 16.71 -17.92 -29.85
N GLU B 291 17.38 -16.90 -30.38
CA GLU B 291 18.72 -16.61 -29.94
C GLU B 291 18.75 -16.19 -28.46
N ASP B 292 17.94 -15.19 -28.12
CA ASP B 292 17.90 -14.67 -26.76
C ASP B 292 16.79 -15.15 -25.85
N PHE B 293 15.81 -15.87 -26.40
CA PHE B 293 14.69 -16.27 -25.56
C PHE B 293 13.90 -17.47 -26.07
N PHE B 294 12.79 -17.71 -25.38
CA PHE B 294 11.88 -18.81 -25.70
C PHE B 294 10.44 -18.28 -25.77
N ILE B 295 9.60 -19.05 -26.47
CA ILE B 295 8.19 -18.73 -26.55
C ILE B 295 7.48 -20.05 -26.29
N ILE B 296 6.62 -20.06 -25.28
CA ILE B 296 5.85 -21.26 -24.99
C ILE B 296 4.53 -20.96 -25.70
N GLN B 297 4.24 -21.76 -26.72
CA GLN B 297 3.03 -21.57 -27.50
C GLN B 297 1.76 -21.87 -26.72
N PRO B 298 0.64 -21.26 -27.13
CA PRO B 298 -0.64 -21.47 -26.46
C PRO B 298 -0.98 -22.96 -26.42
N THR B 299 -1.84 -23.35 -25.50
CA THR B 299 -2.22 -24.74 -25.42
C THR B 299 -3.57 -24.91 -26.12
N ILE B 300 -4.17 -23.79 -26.51
CA ILE B 300 -5.47 -23.78 -27.18
C ILE B 300 -5.35 -23.21 -28.60
N SER B 301 -6.35 -23.49 -29.43
CA SER B 301 -6.35 -23.00 -30.81
C SER B 301 -7.30 -21.81 -30.94
N PHE B 302 -6.79 -20.68 -31.42
CA PHE B 302 -7.59 -19.48 -31.55
C PHE B 302 -8.44 -19.46 -32.83
N GLN B 303 -9.55 -18.73 -32.77
CA GLN B 303 -10.46 -18.61 -33.90
C GLN B 303 -9.64 -18.20 -35.13
N THR B 304 -8.45 -17.66 -34.89
CA THR B 304 -7.55 -17.24 -35.95
C THR B 304 -6.10 -17.62 -35.60
N PRO B 305 -5.58 -18.66 -36.26
CA PRO B 305 -4.22 -19.18 -36.05
C PRO B 305 -3.11 -18.14 -36.14
N LYS B 306 -2.00 -18.42 -35.46
CA LYS B 306 -0.83 -17.54 -35.44
C LYS B 306 0.41 -18.40 -35.66
N ASP B 307 1.44 -17.85 -36.29
CA ASP B 307 2.69 -18.61 -36.50
C ASP B 307 3.74 -18.00 -35.58
N TYR B 308 3.87 -18.58 -34.40
CA TYR B 308 4.80 -18.11 -33.39
C TYR B 308 6.27 -18.40 -33.69
N THR B 309 6.53 -19.08 -34.80
CA THR B 309 7.90 -19.41 -35.17
C THR B 309 8.56 -18.21 -35.85
N LEU B 310 7.77 -17.16 -36.04
CA LEU B 310 8.25 -15.96 -36.70
C LEU B 310 7.65 -14.72 -36.01
N THR B 311 8.48 -14.00 -35.25
CA THR B 311 8.02 -12.83 -34.51
C THR B 311 7.61 -11.65 -35.39
N LYS B 312 7.13 -10.58 -34.78
CA LYS B 312 6.73 -9.40 -35.55
C LYS B 312 8.02 -8.74 -36.03
N LEU B 313 9.14 -9.16 -35.45
CA LEU B 313 10.46 -8.63 -35.82
C LEU B 313 11.14 -9.61 -36.77
N HIS B 314 10.33 -10.49 -37.36
CA HIS B 314 10.80 -11.49 -38.33
C HIS B 314 11.95 -12.36 -37.83
N GLU B 315 11.95 -12.70 -36.54
CA GLU B 315 12.99 -13.57 -35.97
C GLU B 315 12.47 -15.00 -36.08
N LYS B 316 13.35 -15.93 -36.45
CA LYS B 316 12.94 -17.31 -36.60
C LYS B 316 13.30 -18.14 -35.38
N GLY B 317 12.34 -18.94 -34.93
CA GLY B 317 12.56 -19.77 -33.76
C GLY B 317 12.40 -21.24 -34.10
N GLN B 318 13.14 -22.10 -33.43
CA GLN B 318 13.08 -23.53 -33.69
C GLN B 318 12.60 -24.34 -32.50
N LYS B 319 11.99 -25.49 -32.78
CA LYS B 319 11.48 -26.36 -31.73
C LYS B 319 12.65 -26.83 -30.88
N VAL B 320 12.34 -27.40 -29.73
CA VAL B 320 13.37 -27.89 -28.84
C VAL B 320 13.31 -29.41 -28.81
N ALA B 321 14.34 -30.03 -28.24
CA ALA B 321 14.39 -31.48 -28.14
C ALA B 321 13.20 -31.99 -27.33
N PRO B 322 12.67 -33.16 -27.68
CA PRO B 322 11.54 -33.78 -27.00
C PRO B 322 11.41 -33.50 -25.51
N ASP B 323 12.29 -34.09 -24.71
CA ASP B 323 12.25 -33.92 -23.26
C ASP B 323 13.16 -32.81 -22.74
N PHE B 324 13.00 -31.62 -23.32
CA PHE B 324 13.77 -30.44 -22.93
C PHE B 324 13.12 -29.84 -21.68
N GLU B 325 13.87 -29.00 -20.97
CA GLU B 325 13.36 -28.34 -19.78
C GLU B 325 14.32 -27.29 -19.26
N TYR B 326 13.80 -26.07 -19.09
CA TYR B 326 14.59 -24.96 -18.60
C TYR B 326 14.45 -24.84 -17.08
N SER B 327 15.40 -25.42 -16.35
CA SER B 327 15.40 -25.37 -14.89
C SER B 327 16.60 -24.55 -14.44
N SER B 328 16.57 -24.09 -13.19
CA SER B 328 17.66 -23.30 -12.65
C SER B 328 18.81 -24.22 -12.21
N HIS B 329 18.63 -25.52 -12.41
CA HIS B 329 19.65 -26.48 -12.02
C HIS B 329 20.33 -27.15 -13.22
N ASN B 330 19.56 -27.39 -14.29
CA ASN B 330 20.12 -28.02 -15.49
C ASN B 330 20.37 -26.97 -16.56
N ASN B 331 20.72 -25.77 -16.10
CA ASN B 331 21.01 -24.66 -16.99
C ASN B 331 22.52 -24.65 -17.24
N ASN B 332 22.92 -24.22 -18.43
CA ASN B 332 24.34 -24.19 -18.79
C ASN B 332 25.00 -22.83 -18.52
N GLN B 333 24.19 -21.84 -18.16
CA GLN B 333 24.71 -20.51 -17.88
C GLN B 333 24.65 -20.25 -16.37
N TRP B 334 25.80 -19.93 -15.77
CA TRP B 334 25.84 -19.67 -14.34
C TRP B 334 26.52 -18.37 -13.95
N LEU B 335 26.18 -17.87 -12.78
CA LEU B 335 26.72 -16.62 -12.26
C LEU B 335 27.54 -16.89 -10.99
N GLU B 336 28.86 -16.78 -11.09
CA GLU B 336 29.73 -17.01 -9.93
C GLU B 336 29.85 -15.77 -9.05
N PRO B 337 30.42 -15.91 -7.83
CA PRO B 337 30.59 -14.81 -6.89
C PRO B 337 30.90 -13.45 -7.52
N ASP B 338 32.13 -13.27 -7.99
CA ASP B 338 32.56 -12.01 -8.60
C ASP B 338 31.50 -11.47 -9.57
N ASP B 339 30.97 -12.36 -10.40
CA ASP B 339 29.95 -12.01 -11.38
C ASP B 339 28.78 -11.23 -10.80
N LEU B 340 28.45 -11.49 -9.54
CA LEU B 340 27.34 -10.81 -8.89
C LEU B 340 27.59 -9.32 -8.65
N LEU B 341 28.47 -9.04 -7.69
CA LEU B 341 28.84 -7.67 -7.32
C LEU B 341 28.51 -6.67 -8.41
N LYS B 342 29.03 -6.96 -9.60
CA LYS B 342 28.86 -6.13 -10.79
C LYS B 342 27.51 -5.42 -10.88
N LEU B 343 26.46 -6.05 -10.37
CA LEU B 343 25.13 -5.47 -10.38
C LEU B 343 24.89 -4.69 -9.08
N LEU B 344 24.66 -5.44 -8.00
CA LEU B 344 24.44 -4.85 -6.68
C LEU B 344 24.32 -5.98 -5.65
#